data_7F3Y
#
_entry.id   7F3Y
#
_cell.length_a   56.678
_cell.length_b   154.403
_cell.length_c   164.165
_cell.angle_alpha   90.000
_cell.angle_beta   90.000
_cell.angle_gamma   90.000
#
_symmetry.space_group_name_H-M   'P 21 21 21'
#
loop_
_entity.id
_entity.type
_entity.pdbx_description
1 polymer 'Bifunctional dihydrofolate reductase-thymidylate synthase'
2 non-polymer 'NADPH DIHYDRO-NICOTINAMIDE-ADENINE-DINUCLEOTIDE PHOSPHATE'
3 non-polymer METHOTREXATE
4 non-polymer "2'-DEOXYURIDINE 5'-MONOPHOSPHATE"
5 non-polymer GLYCEROL
6 water water
#
_entity_poly.entity_id   1
_entity_poly.type   'polypeptide(L)'
_entity_poly.pdbx_seq_one_letter_code
;MMEQVCDVFDIYAICACCKVESKNEGKKNEVFNNYTFRGLGNKGVLPWKCNSLDMKYFCAVTTYVNESKYEKLKYKRCKY
LNKETVDNVNDMPNSKKLQNVVVMGRTSWESIPKKFKPLSNRINVILSRTLKKEDFDEDVYIINKVEDLIVLLGKLNYYK
CFIIGGSVVYQEFLEKKLIKKIYFTRINSTYECDVFFPEINENEYQIISVSDVYTSNNTTLDFIIYKKTNNKMLNEQNCI
KGEEKNNDMPLKNDDKDTCHMKKLTEFYKNVDKYKINYENDDDDEEEDDFVYFNFNKEKEEKNKNSIHPNDFQIYNSLKY
KYHPEYQYLNIIYDIMMNGNKQSDRTGVGVLSKFGYIMKFDLSQYFPLLTTKKLFLRGIIEELLWFIRGETNGNTLLNKN
VRIWEANGTREFLDNRKLFHREVNDLGPIYGFQWRHFGAEYTNMYDNYENKGVDQLKNIINLIKNDPTSRRILLCAWNVK
DLDQMALPPCHILCQFYVFDGKLSCIMYQRSCDLGLGVPFNIASYSIFTHMIAQVCNLQPAQFIHVLGNAHVYNNHIDSL
KIQLNRIPYPFPTLKLNPDIKNIEDFTISDFTIQNYVHHEKISMDMAA
;
_entity_poly.pdbx_strand_id   A,B
#
loop_
_chem_comp.id
_chem_comp.type
_chem_comp.name
_chem_comp.formula
GOL non-polymer GLYCEROL 'C3 H8 O3'
MTX non-polymer METHOTREXATE 'C20 H22 N8 O5'
NDP non-polymer 'NADPH DIHYDRO-NICOTINAMIDE-ADENINE-DINUCLEOTIDE PHOSPHATE' 'C21 H30 N7 O17 P3'
UMP non-polymer '2'-DEOXYURIDINE 5'-MONOPHOSPHATE' 'C9 H13 N2 O8 P'
#
# COMPACT_ATOMS: atom_id res chain seq x y z
N MET A 1 2.08 -14.14 -39.86
CA MET A 1 1.09 -14.43 -38.78
C MET A 1 0.36 -15.76 -39.07
N MET A 2 1.09 -16.81 -39.50
CA MET A 2 0.52 -18.17 -39.74
C MET A 2 0.00 -18.71 -38.41
N GLU A 3 -1.26 -18.38 -38.05
CA GLU A 3 -1.89 -18.58 -36.72
C GLU A 3 -1.67 -20.01 -36.24
N GLN A 4 -1.34 -20.17 -34.95
CA GLN A 4 -1.05 -21.47 -34.29
C GLN A 4 -2.37 -22.11 -33.83
N VAL A 5 -2.44 -23.44 -33.87
CA VAL A 5 -3.65 -24.27 -33.53
C VAL A 5 -4.07 -24.01 -32.07
N CYS A 6 -3.09 -24.04 -31.17
CA CYS A 6 -3.28 -23.79 -29.72
C CYS A 6 -3.80 -22.36 -29.50
N ASP A 7 -3.51 -21.41 -30.41
CA ASP A 7 -3.98 -20.00 -30.28
C ASP A 7 -5.42 -19.88 -30.79
N VAL A 8 -5.80 -20.61 -31.85
CA VAL A 8 -7.15 -20.49 -32.46
C VAL A 8 -8.15 -21.19 -31.53
N PHE A 9 -7.78 -22.32 -30.95
CA PHE A 9 -8.71 -23.19 -30.19
C PHE A 9 -8.49 -23.06 -28.67
N ASP A 10 -7.53 -22.22 -28.25
CA ASP A 10 -7.32 -21.80 -26.84
C ASP A 10 -7.08 -23.06 -26.03
N ILE A 11 -6.04 -23.80 -26.39
CA ILE A 11 -5.71 -25.09 -25.76
C ILE A 11 -4.66 -24.79 -24.71
N TYR A 12 -5.01 -25.08 -23.45
CA TYR A 12 -4.21 -24.85 -22.24
C TYR A 12 -4.03 -26.19 -21.55
N ALA A 13 -2.97 -26.30 -20.75
CA ALA A 13 -2.66 -27.43 -19.86
C ALA A 13 -2.85 -26.93 -18.43
N ILE A 14 -3.40 -27.77 -17.57
CA ILE A 14 -3.45 -27.49 -16.11
C ILE A 14 -3.05 -28.78 -15.41
N CYS A 15 -2.22 -28.67 -14.40
CA CYS A 15 -1.56 -29.80 -13.71
C CYS A 15 -1.21 -29.37 -12.31
N ALA A 16 -0.92 -30.33 -11.46
CA ALA A 16 -0.36 -30.17 -10.11
C ALA A 16 0.83 -31.11 -10.00
N CYS A 17 1.97 -30.63 -9.53
CA CYS A 17 3.19 -31.43 -9.35
C CYS A 17 3.75 -31.28 -7.95
N CYS A 18 4.06 -32.39 -7.30
CA CYS A 18 4.79 -32.44 -6.02
C CYS A 18 6.25 -32.74 -6.32
N LYS A 19 7.05 -32.84 -5.27
CA LYS A 19 8.47 -33.23 -5.31
C LYS A 19 8.55 -34.75 -5.10
N VAL A 20 9.66 -35.31 -5.57
CA VAL A 20 9.78 -36.77 -5.84
C VAL A 20 10.75 -37.41 -4.84
N GLU A 21 10.35 -38.55 -4.29
CA GLU A 21 10.95 -39.26 -3.12
C GLU A 21 12.48 -39.10 -3.03
N SER A 22 13.20 -39.08 -4.17
CA SER A 22 14.65 -38.78 -4.30
C SER A 22 15.34 -39.90 -5.07
N LYS A 23 15.66 -39.65 -6.35
CA LYS A 23 16.44 -40.56 -7.24
C LYS A 23 17.93 -40.22 -7.14
N ASN A 24 18.28 -39.14 -6.41
CA ASN A 24 19.67 -38.66 -6.17
C ASN A 24 20.18 -39.15 -4.81
N GLU A 25 19.28 -39.48 -3.87
CA GLU A 25 19.59 -40.17 -2.59
C GLU A 25 20.09 -39.16 -1.55
N GLY A 26 19.24 -38.83 -0.57
CA GLY A 26 19.56 -37.90 0.55
C GLY A 26 19.37 -36.45 0.16
N LYS A 27 19.30 -35.55 1.16
CA LYS A 27 19.29 -34.07 0.96
C LYS A 27 20.29 -33.41 1.93
N LYS A 28 21.57 -33.34 1.52
CA LYS A 28 22.62 -32.47 2.11
C LYS A 28 22.73 -31.20 1.26
N ASN A 29 23.33 -31.34 0.06
CA ASN A 29 23.71 -30.23 -0.87
C ASN A 29 22.68 -30.14 -2.01
N GLU A 30 21.38 -30.15 -1.67
CA GLU A 30 20.22 -30.27 -2.61
C GLU A 30 20.19 -29.08 -3.59
N VAL A 31 20.39 -29.36 -4.88
CA VAL A 31 20.14 -28.39 -6.00
C VAL A 31 18.63 -28.35 -6.25
N PHE A 32 18.06 -27.17 -6.54
CA PHE A 32 16.63 -27.00 -6.89
C PHE A 32 16.51 -26.25 -8.23
N ASN A 33 15.44 -26.54 -8.98
CA ASN A 33 15.02 -25.85 -10.24
C ASN A 33 13.52 -26.14 -10.48
N ASN A 34 12.96 -25.66 -11.59
CA ASN A 34 11.52 -25.89 -11.94
C ASN A 34 11.20 -27.38 -11.81
N TYR A 35 12.12 -28.22 -12.31
CA TYR A 35 12.00 -29.69 -12.41
C TYR A 35 12.01 -30.37 -11.03
N THR A 36 12.29 -29.68 -9.92
CA THR A 36 11.99 -30.20 -8.54
C THR A 36 10.50 -30.59 -8.45
N PHE A 37 9.61 -29.82 -9.08
CA PHE A 37 8.16 -30.07 -9.07
C PHE A 37 7.79 -30.82 -10.35
N ARG A 38 7.61 -32.13 -10.24
CA ARG A 38 7.34 -32.97 -11.42
C ARG A 38 6.50 -34.21 -11.09
N GLY A 39 6.16 -34.49 -9.83
CA GLY A 39 5.42 -35.73 -9.49
C GLY A 39 3.93 -35.56 -9.77
N LEU A 40 3.36 -36.37 -10.69
CA LEU A 40 1.94 -36.30 -11.09
C LEU A 40 1.10 -37.38 -10.43
N GLY A 41 1.61 -38.61 -10.39
CA GLY A 41 0.79 -39.78 -10.05
C GLY A 41 1.56 -40.89 -9.38
N ASN A 42 0.83 -41.71 -8.64
CA ASN A 42 1.33 -42.95 -8.03
C ASN A 42 0.23 -44.02 -8.13
N LYS A 43 0.54 -45.15 -8.79
CA LYS A 43 -0.28 -46.38 -8.82
C LYS A 43 -1.69 -45.99 -9.25
N GLY A 44 -1.78 -45.13 -10.27
CA GLY A 44 -3.05 -44.71 -10.89
C GLY A 44 -3.83 -43.66 -10.09
N VAL A 45 -3.34 -43.23 -8.91
CA VAL A 45 -3.99 -42.14 -8.13
C VAL A 45 -3.03 -40.95 -7.96
N LEU A 46 -3.46 -39.91 -7.23
CA LEU A 46 -2.57 -38.77 -6.92
C LEU A 46 -1.55 -39.18 -5.87
N PRO A 47 -0.31 -38.65 -5.93
CA PRO A 47 0.70 -38.99 -4.93
C PRO A 47 0.30 -38.53 -3.52
N TRP A 48 -0.54 -37.48 -3.41
CA TRP A 48 -0.85 -36.75 -2.13
C TRP A 48 -2.24 -37.11 -1.66
N LYS A 49 -2.98 -37.96 -2.38
CA LYS A 49 -4.37 -38.36 -2.01
C LYS A 49 -5.34 -37.23 -2.30
N CYS A 50 -5.39 -36.24 -1.40
CA CYS A 50 -6.36 -35.10 -1.38
C CYS A 50 -5.59 -33.76 -1.23
N ASN A 51 -5.82 -32.81 -2.13
CA ASN A 51 -5.47 -31.40 -1.90
C ASN A 51 -6.67 -30.56 -2.27
N SER A 52 -7.35 -30.11 -1.24
CA SER A 52 -8.67 -29.49 -1.29
C SER A 52 -8.55 -28.14 -2.03
N LEU A 53 -7.48 -27.39 -1.75
CA LEU A 53 -7.29 -26.06 -2.35
C LEU A 53 -6.88 -26.19 -3.82
N ASP A 54 -5.98 -27.11 -4.16
CA ASP A 54 -5.64 -27.38 -5.58
C ASP A 54 -6.90 -27.81 -6.37
N MET A 55 -7.75 -28.63 -5.78
CA MET A 55 -9.00 -29.09 -6.45
C MET A 55 -9.95 -27.90 -6.64
N LYS A 56 -10.02 -27.01 -5.67
CA LYS A 56 -10.86 -25.79 -5.81
C LYS A 56 -10.31 -24.97 -6.98
N TYR A 57 -8.99 -24.77 -7.03
CA TYR A 57 -8.33 -24.01 -8.11
C TYR A 57 -8.65 -24.65 -9.45
N PHE A 58 -8.42 -25.96 -9.54
CA PHE A 58 -8.65 -26.79 -10.76
C PHE A 58 -10.08 -26.57 -11.26
N CYS A 59 -11.05 -26.71 -10.36
CA CYS A 59 -12.50 -26.54 -10.65
C CYS A 59 -12.78 -25.12 -11.14
N ALA A 60 -12.33 -24.08 -10.46
CA ALA A 60 -12.59 -22.69 -10.85
C ALA A 60 -11.99 -22.38 -12.23
N VAL A 61 -10.76 -22.81 -12.50
CA VAL A 61 -10.11 -22.48 -13.81
C VAL A 61 -10.83 -23.22 -14.95
N THR A 62 -11.08 -24.51 -14.78
CA THR A 62 -11.65 -25.35 -15.87
C THR A 62 -13.15 -25.08 -16.04
N THR A 63 -13.82 -24.44 -15.07
CA THR A 63 -15.28 -24.13 -15.13
C THR A 63 -15.49 -22.71 -15.65
N TYR A 64 -14.54 -21.79 -15.47
CA TYR A 64 -14.75 -20.34 -15.72
C TYR A 64 -14.83 -20.04 -17.22
N VAL A 65 -15.92 -19.38 -17.58
CA VAL A 65 -16.16 -18.86 -18.96
C VAL A 65 -16.57 -17.40 -18.82
N ASN A 66 -16.21 -16.63 -19.83
CA ASN A 66 -16.61 -15.21 -19.95
C ASN A 66 -17.38 -15.13 -21.25
N GLU A 67 -18.70 -15.11 -21.15
CA GLU A 67 -19.62 -15.20 -22.30
C GLU A 67 -19.38 -14.00 -23.23
N SER A 68 -19.11 -12.81 -22.68
CA SER A 68 -18.94 -11.57 -23.48
C SER A 68 -17.69 -11.68 -24.37
N LYS A 69 -16.75 -12.58 -24.05
CA LYS A 69 -15.52 -12.75 -24.86
C LYS A 69 -15.71 -13.83 -25.94
N TYR A 70 -16.83 -14.56 -25.95
CA TYR A 70 -16.99 -15.73 -26.84
C TYR A 70 -16.98 -15.21 -28.30
N GLU A 71 -17.66 -14.10 -28.58
CA GLU A 71 -17.88 -13.61 -29.98
C GLU A 71 -16.54 -13.52 -30.70
N LYS A 72 -15.54 -12.90 -30.07
CA LYS A 72 -14.17 -12.72 -30.63
C LYS A 72 -13.57 -14.09 -30.94
N LEU A 73 -13.81 -15.09 -30.08
CA LEU A 73 -13.27 -16.47 -30.22
C LEU A 73 -13.97 -17.18 -31.38
N LYS A 74 -15.31 -17.10 -31.44
CA LYS A 74 -16.11 -17.77 -32.50
C LYS A 74 -15.65 -17.25 -33.87
N TYR A 75 -15.56 -15.91 -34.03
CA TYR A 75 -15.13 -15.25 -35.30
C TYR A 75 -13.75 -15.77 -35.71
N LYS A 76 -12.76 -15.64 -34.82
CA LYS A 76 -11.35 -16.10 -34.96
C LYS A 76 -11.28 -17.53 -35.46
N ARG A 77 -12.06 -18.43 -34.84
CA ARG A 77 -12.09 -19.87 -35.19
C ARG A 77 -12.77 -20.04 -36.55
N CYS A 78 -13.83 -19.27 -36.81
CA CYS A 78 -14.59 -19.30 -38.09
C CYS A 78 -13.64 -18.94 -39.24
N LYS A 79 -13.01 -17.76 -39.21
CA LYS A 79 -11.98 -17.32 -40.20
C LYS A 79 -10.99 -18.46 -40.44
N TYR A 80 -10.38 -18.97 -39.38
CA TYR A 80 -9.31 -19.99 -39.49
C TYR A 80 -9.83 -21.19 -40.29
N LEU A 81 -11.12 -21.52 -40.14
CA LEU A 81 -11.71 -22.74 -40.78
C LEU A 81 -12.49 -22.38 -42.06
N ASN A 82 -12.62 -21.07 -42.37
CA ASN A 82 -13.37 -20.47 -43.50
C ASN A 82 -14.87 -20.73 -43.31
N LYS A 83 -15.56 -19.90 -42.52
CA LYS A 83 -16.94 -20.19 -42.03
C LYS A 83 -17.72 -18.90 -41.66
N GLU A 84 -19.07 -18.99 -41.69
CA GLU A 84 -20.04 -17.88 -41.46
C GLU A 84 -20.58 -17.93 -40.01
N THR A 85 -21.82 -17.43 -39.78
CA THR A 85 -22.60 -17.60 -38.53
C THR A 85 -23.04 -19.06 -38.40
N LYS A 96 -27.50 -24.26 -23.88
CA LYS A 96 -27.20 -22.89 -24.38
C LYS A 96 -26.16 -22.17 -23.48
N LYS A 97 -25.72 -22.76 -22.35
CA LYS A 97 -24.65 -22.19 -21.47
C LYS A 97 -23.26 -22.57 -22.01
N LEU A 98 -22.44 -21.58 -22.33
CA LEU A 98 -21.03 -21.78 -22.78
C LEU A 98 -20.26 -22.58 -21.71
N GLN A 99 -19.51 -23.58 -22.15
CA GLN A 99 -18.68 -24.40 -21.25
C GLN A 99 -17.29 -24.54 -21.83
N ASN A 100 -16.33 -24.82 -20.96
CA ASN A 100 -14.95 -25.19 -21.32
C ASN A 100 -14.96 -26.67 -21.69
N VAL A 101 -14.00 -27.08 -22.51
CA VAL A 101 -13.68 -28.50 -22.77
C VAL A 101 -12.58 -28.89 -21.80
N VAL A 102 -12.68 -30.09 -21.25
CA VAL A 102 -11.56 -30.75 -20.53
C VAL A 102 -11.25 -32.06 -21.27
N VAL A 103 -9.96 -32.27 -21.55
CA VAL A 103 -9.43 -33.47 -22.26
C VAL A 103 -8.52 -34.23 -21.30
N MET A 104 -8.77 -35.51 -21.13
CA MET A 104 -7.99 -36.35 -20.20
C MET A 104 -7.72 -37.70 -20.85
N GLY A 105 -6.62 -38.32 -20.45
CA GLY A 105 -6.31 -39.73 -20.80
C GLY A 105 -7.28 -40.65 -20.09
N ARG A 106 -7.39 -41.88 -20.58
CA ARG A 106 -8.36 -42.89 -20.09
C ARG A 106 -8.02 -43.22 -18.64
N THR A 107 -6.75 -43.31 -18.28
CA THR A 107 -6.33 -43.71 -16.90
C THR A 107 -6.77 -42.61 -15.93
N SER A 108 -6.53 -41.37 -16.28
CA SER A 108 -7.02 -40.18 -15.53
C SER A 108 -8.55 -40.24 -15.37
N TRP A 109 -9.29 -40.43 -16.45
CA TRP A 109 -10.77 -40.54 -16.35
C TRP A 109 -11.15 -41.55 -15.25
N GLU A 110 -10.48 -42.71 -15.24
CA GLU A 110 -10.80 -43.85 -14.35
C GLU A 110 -10.45 -43.51 -12.90
N SER A 111 -9.52 -42.63 -12.61
CA SER A 111 -9.21 -42.33 -11.19
C SER A 111 -10.04 -41.13 -10.69
N ILE A 112 -10.93 -40.54 -11.50
CA ILE A 112 -11.91 -39.56 -10.96
C ILE A 112 -12.99 -40.34 -10.22
N PRO A 113 -13.31 -40.01 -8.95
CA PRO A 113 -14.41 -40.69 -8.25
C PRO A 113 -15.69 -40.59 -9.08
N LYS A 114 -16.52 -41.64 -9.02
CA LYS A 114 -17.83 -41.75 -9.72
C LYS A 114 -18.71 -40.55 -9.41
N LYS A 115 -18.77 -40.13 -8.15
CA LYS A 115 -19.56 -38.98 -7.62
C LYS A 115 -19.31 -37.74 -8.50
N PHE A 116 -18.13 -37.62 -9.09
CA PHE A 116 -17.65 -36.37 -9.71
C PHE A 116 -17.60 -36.47 -11.24
N LYS A 117 -17.96 -37.60 -11.81
CA LYS A 117 -17.91 -37.86 -13.29
C LYS A 117 -19.29 -37.86 -13.91
N PRO A 118 -19.46 -37.32 -15.14
CA PRO A 118 -18.41 -36.52 -15.78
C PRO A 118 -18.23 -35.21 -15.00
N LEU A 119 -17.11 -34.51 -15.21
CA LEU A 119 -16.81 -33.25 -14.49
C LEU A 119 -17.92 -32.24 -14.81
N SER A 120 -18.55 -31.70 -13.77
CA SER A 120 -19.76 -30.83 -13.86
C SER A 120 -19.44 -29.59 -14.67
N ASN A 121 -20.38 -29.15 -15.51
CA ASN A 121 -20.38 -27.81 -16.18
C ASN A 121 -19.23 -27.72 -17.21
N ARG A 122 -18.66 -28.87 -17.59
CA ARG A 122 -17.58 -28.99 -18.59
C ARG A 122 -17.91 -30.12 -19.57
N ILE A 123 -17.58 -29.88 -20.84
CA ILE A 123 -17.59 -30.88 -21.93
C ILE A 123 -16.38 -31.78 -21.72
N ASN A 124 -16.62 -33.04 -21.37
CA ASN A 124 -15.57 -34.02 -21.02
C ASN A 124 -15.16 -34.79 -22.28
N VAL A 125 -13.87 -34.85 -22.54
CA VAL A 125 -13.30 -35.55 -23.73
C VAL A 125 -12.25 -36.52 -23.22
N ILE A 126 -12.37 -37.80 -23.58
CA ILE A 126 -11.44 -38.84 -23.10
C ILE A 126 -10.68 -39.39 -24.30
N LEU A 127 -9.35 -39.42 -24.22
CA LEU A 127 -8.51 -40.19 -25.17
C LEU A 127 -8.38 -41.64 -24.71
N SER A 128 -8.70 -42.55 -25.64
CA SER A 128 -8.58 -44.03 -25.46
C SER A 128 -8.40 -44.72 -26.83
N ARG A 129 -7.68 -45.84 -26.84
CA ARG A 129 -7.71 -46.83 -27.95
C ARG A 129 -8.47 -48.07 -27.47
N THR A 130 -8.21 -48.50 -26.24
CA THR A 130 -8.82 -49.73 -25.68
C THR A 130 -10.33 -49.53 -25.48
N LEU A 131 -10.85 -48.31 -25.32
CA LEU A 131 -12.30 -48.13 -25.05
C LEU A 131 -12.90 -47.22 -26.12
N LYS A 132 -14.18 -47.43 -26.44
CA LYS A 132 -14.96 -46.69 -27.46
C LYS A 132 -16.23 -46.15 -26.79
N LYS A 133 -17.04 -45.37 -27.49
CA LYS A 133 -18.23 -44.75 -26.85
C LYS A 133 -19.02 -45.84 -26.12
N GLU A 134 -19.13 -47.06 -26.66
CA GLU A 134 -20.06 -48.10 -26.13
C GLU A 134 -19.64 -48.50 -24.72
N ASP A 135 -18.37 -48.31 -24.37
CA ASP A 135 -17.79 -48.70 -23.07
C ASP A 135 -18.09 -47.68 -21.96
N PHE A 136 -18.72 -46.54 -22.26
CA PHE A 136 -19.04 -45.48 -21.27
C PHE A 136 -20.55 -45.24 -21.22
N ASP A 137 -21.09 -45.23 -20.00
CA ASP A 137 -22.48 -44.80 -19.72
C ASP A 137 -22.63 -43.27 -19.86
N GLU A 138 -21.56 -42.53 -19.60
CA GLU A 138 -21.61 -41.10 -19.23
C GLU A 138 -21.69 -40.21 -20.47
N ASP A 139 -22.14 -38.97 -20.27
CA ASP A 139 -22.14 -37.88 -21.27
C ASP A 139 -20.69 -37.43 -21.52
N VAL A 140 -19.96 -38.14 -22.38
CA VAL A 140 -18.54 -37.83 -22.73
C VAL A 140 -18.32 -38.09 -24.22
N TYR A 141 -17.36 -37.39 -24.79
CA TYR A 141 -16.86 -37.63 -26.17
C TYR A 141 -15.61 -38.49 -26.03
N ILE A 142 -15.56 -39.59 -26.75
CA ILE A 142 -14.34 -40.45 -26.86
C ILE A 142 -13.60 -40.09 -28.15
N ILE A 143 -12.30 -39.85 -28.05
CA ILE A 143 -11.40 -39.69 -29.23
C ILE A 143 -10.24 -40.69 -29.11
N ASN A 144 -9.76 -41.19 -30.25
CA ASN A 144 -8.72 -42.25 -30.30
C ASN A 144 -7.41 -41.65 -30.83
N LYS A 145 -7.34 -40.32 -30.99
CA LYS A 145 -6.11 -39.61 -31.41
C LYS A 145 -6.31 -38.10 -31.27
N VAL A 146 -5.20 -37.40 -31.21
CA VAL A 146 -5.14 -35.94 -30.93
C VAL A 146 -5.82 -35.19 -32.07
N GLU A 147 -5.62 -35.67 -33.30
CA GLU A 147 -6.19 -35.02 -34.52
C GLU A 147 -7.70 -34.91 -34.31
N ASP A 148 -8.31 -35.91 -33.68
CA ASP A 148 -9.79 -35.95 -33.52
C ASP A 148 -10.24 -34.86 -32.53
N LEU A 149 -9.36 -34.32 -31.67
CA LEU A 149 -9.68 -33.20 -30.77
C LEU A 149 -9.85 -31.92 -31.57
N ILE A 150 -8.90 -31.59 -32.44
CA ILE A 150 -8.92 -30.37 -33.31
C ILE A 150 -10.21 -30.37 -34.13
N VAL A 151 -10.57 -31.54 -34.69
CA VAL A 151 -11.80 -31.73 -35.51
C VAL A 151 -12.97 -31.42 -34.57
N LEU A 152 -13.00 -32.05 -33.39
CA LEU A 152 -14.12 -31.91 -32.42
C LEU A 152 -14.26 -30.42 -32.08
N LEU A 153 -13.14 -29.72 -31.81
CA LEU A 153 -13.17 -28.30 -31.34
C LEU A 153 -13.67 -27.40 -32.46
N GLY A 154 -13.45 -27.79 -33.72
CA GLY A 154 -13.97 -27.06 -34.90
C GLY A 154 -15.49 -27.11 -34.98
N LYS A 155 -16.12 -28.11 -34.36
CA LYS A 155 -17.59 -28.35 -34.43
C LYS A 155 -18.28 -27.98 -33.11
N LEU A 156 -17.55 -27.66 -32.04
CA LEU A 156 -18.23 -27.32 -30.75
C LEU A 156 -18.24 -25.81 -30.55
N ASN A 157 -19.28 -25.35 -29.84
CA ASN A 157 -19.31 -24.07 -29.09
C ASN A 157 -18.68 -24.31 -27.71
N TYR A 158 -17.53 -23.68 -27.46
CA TYR A 158 -16.82 -23.75 -26.15
C TYR A 158 -15.97 -22.50 -26.00
N TYR A 159 -15.62 -22.22 -24.74
CA TYR A 159 -14.80 -21.08 -24.34
C TYR A 159 -13.33 -21.46 -24.50
N LYS A 160 -12.81 -22.29 -23.59
CA LYS A 160 -11.41 -22.72 -23.65
C LYS A 160 -11.35 -24.24 -23.53
N CYS A 161 -10.20 -24.80 -23.88
CA CYS A 161 -9.95 -26.25 -23.85
C CYS A 161 -8.75 -26.51 -22.92
N PHE A 162 -8.97 -27.32 -21.91
CA PHE A 162 -7.97 -27.64 -20.86
C PHE A 162 -7.62 -29.12 -20.95
N ILE A 163 -6.36 -29.40 -21.23
CA ILE A 163 -5.74 -30.73 -21.13
C ILE A 163 -5.50 -30.92 -19.63
N ILE A 164 -6.07 -31.96 -19.01
CA ILE A 164 -6.06 -32.10 -17.52
C ILE A 164 -5.28 -33.35 -17.13
N GLY A 165 -4.57 -33.95 -18.07
CA GLY A 165 -3.62 -35.05 -17.80
C GLY A 165 -4.10 -36.36 -18.41
N GLY A 166 -3.39 -37.45 -18.11
CA GLY A 166 -2.20 -37.48 -17.28
C GLY A 166 -0.89 -37.36 -18.06
N SER A 167 0.18 -38.03 -17.59
CA SER A 167 1.60 -37.81 -18.02
C SER A 167 1.75 -38.13 -19.50
N VAL A 168 1.23 -39.26 -19.95
CA VAL A 168 1.21 -39.62 -21.40
C VAL A 168 0.53 -38.49 -22.20
N VAL A 169 -0.66 -38.05 -21.79
CA VAL A 169 -1.40 -36.99 -22.53
C VAL A 169 -0.62 -35.67 -22.48
N TYR A 170 -0.07 -35.26 -21.34
CA TYR A 170 0.72 -33.99 -21.29
C TYR A 170 1.86 -34.04 -22.30
N GLN A 171 2.62 -35.12 -22.24
CA GLN A 171 3.83 -35.35 -23.07
C GLN A 171 3.50 -35.16 -24.56
N GLU A 172 2.35 -35.63 -25.05
CA GLU A 172 2.08 -35.62 -26.51
C GLU A 172 1.54 -34.24 -26.90
N PHE A 173 0.76 -33.58 -26.05
CA PHE A 173 0.30 -32.19 -26.34
C PHE A 173 1.49 -31.21 -26.35
N LEU A 174 2.45 -31.36 -25.43
CA LEU A 174 3.64 -30.46 -25.38
C LEU A 174 4.54 -30.71 -26.60
N GLU A 175 4.91 -31.97 -26.90
CA GLU A 175 5.82 -32.31 -28.04
C GLU A 175 5.19 -31.82 -29.37
N LYS A 176 3.87 -31.86 -29.50
CA LYS A 176 3.11 -31.42 -30.71
C LYS A 176 2.92 -29.90 -30.70
N LYS A 177 3.46 -29.19 -29.70
CA LYS A 177 3.41 -27.71 -29.63
C LYS A 177 1.96 -27.20 -29.60
N LEU A 178 1.07 -27.86 -28.85
CA LEU A 178 -0.38 -27.55 -28.81
C LEU A 178 -0.81 -26.87 -27.52
N ILE A 179 0.12 -26.53 -26.61
CA ILE A 179 -0.17 -25.86 -25.31
C ILE A 179 0.22 -24.39 -25.42
N LYS A 180 -0.77 -23.50 -25.22
CA LYS A 180 -0.62 -22.02 -25.21
C LYS A 180 -0.06 -21.57 -23.87
N LYS A 181 -0.59 -22.14 -22.79
CA LYS A 181 -0.12 -21.87 -21.40
C LYS A 181 -0.27 -23.12 -20.53
N ILE A 182 0.52 -23.16 -19.47
CA ILE A 182 0.46 -24.22 -18.42
C ILE A 182 0.11 -23.54 -17.11
N TYR A 183 -1.04 -23.90 -16.56
CA TYR A 183 -1.42 -23.57 -15.17
C TYR A 183 -0.89 -24.71 -14.30
N PHE A 184 0.13 -24.39 -13.53
CA PHE A 184 1.02 -25.35 -12.86
C PHE A 184 0.92 -25.09 -11.37
N THR A 185 0.45 -26.09 -10.63
CA THR A 185 0.37 -26.01 -9.17
C THR A 185 1.66 -26.59 -8.61
N ARG A 186 2.37 -25.87 -7.74
CA ARG A 186 3.55 -26.43 -7.04
C ARG A 186 3.09 -26.86 -5.67
N ILE A 187 3.00 -28.17 -5.49
CA ILE A 187 2.68 -28.81 -4.19
C ILE A 187 4.03 -29.06 -3.50
N ASN A 188 4.25 -28.38 -2.36
CA ASN A 188 5.62 -28.24 -1.79
C ASN A 188 5.80 -29.31 -0.71
N SER A 189 5.68 -30.56 -1.12
CA SER A 189 5.96 -31.72 -0.26
C SER A 189 6.38 -32.86 -1.17
N THR A 190 6.93 -33.90 -0.57
CA THR A 190 7.55 -35.04 -1.27
C THR A 190 6.60 -36.21 -1.09
N TYR A 191 6.23 -36.87 -2.21
CA TYR A 191 5.45 -38.13 -2.20
C TYR A 191 6.06 -39.13 -3.16
N GLU A 192 5.77 -40.39 -2.90
CA GLU A 192 6.10 -41.52 -3.80
C GLU A 192 5.32 -41.27 -5.09
N CYS A 193 6.01 -41.27 -6.23
CA CYS A 193 5.46 -41.02 -7.57
C CYS A 193 6.01 -42.06 -8.57
N ASP A 194 5.16 -42.56 -9.48
CA ASP A 194 5.60 -43.43 -10.60
C ASP A 194 5.37 -42.73 -11.94
N VAL A 195 4.80 -41.51 -11.98
CA VAL A 195 4.65 -40.72 -13.25
C VAL A 195 4.82 -39.24 -12.97
N PHE A 196 5.37 -38.55 -13.98
CA PHE A 196 6.06 -37.26 -13.89
C PHE A 196 5.55 -36.39 -15.03
N PHE A 197 5.40 -35.10 -14.76
CA PHE A 197 5.24 -34.08 -15.82
C PHE A 197 6.55 -33.99 -16.59
N PRO A 198 6.50 -33.81 -17.94
CA PRO A 198 7.71 -33.69 -18.75
C PRO A 198 8.52 -32.46 -18.36
N GLU A 199 9.86 -32.58 -18.38
CA GLU A 199 10.78 -31.42 -18.21
C GLU A 199 10.29 -30.32 -19.16
N ILE A 200 10.01 -29.13 -18.63
CA ILE A 200 9.50 -28.00 -19.44
C ILE A 200 10.73 -27.29 -20.00
N ASN A 201 10.81 -27.14 -21.33
CA ASN A 201 11.95 -26.49 -22.01
C ASN A 201 11.85 -24.98 -21.79
N GLU A 202 12.89 -24.37 -21.20
CA GLU A 202 12.90 -22.95 -20.73
C GLU A 202 12.91 -21.98 -21.91
N ASN A 203 13.20 -22.45 -23.13
CA ASN A 203 13.16 -21.63 -24.36
C ASN A 203 11.74 -21.66 -24.90
N GLU A 204 11.06 -22.81 -24.79
CA GLU A 204 9.68 -22.98 -25.30
C GLU A 204 8.69 -22.26 -24.38
N TYR A 205 8.93 -22.27 -23.07
CA TYR A 205 7.92 -21.75 -22.09
C TYR A 205 8.61 -20.89 -21.03
N GLN A 206 8.00 -19.77 -20.70
CA GLN A 206 8.46 -18.88 -19.61
C GLN A 206 7.35 -18.69 -18.57
N ILE A 207 7.74 -18.62 -17.30
CA ILE A 207 6.81 -18.25 -16.20
C ILE A 207 6.44 -16.78 -16.35
N ILE A 208 5.15 -16.44 -16.38
CA ILE A 208 4.65 -15.04 -16.53
C ILE A 208 3.94 -14.60 -15.27
N SER A 209 3.60 -15.51 -14.37
CA SER A 209 2.83 -15.21 -13.15
C SER A 209 2.99 -16.26 -12.08
N VAL A 210 2.92 -15.80 -10.85
CA VAL A 210 3.16 -16.57 -9.62
C VAL A 210 2.10 -16.07 -8.65
N SER A 211 1.42 -16.96 -7.94
CA SER A 211 0.30 -16.60 -7.07
C SER A 211 0.83 -16.38 -5.66
N ASP A 212 -0.11 -16.02 -4.79
CA ASP A 212 0.09 -16.06 -3.33
C ASP A 212 0.45 -17.51 -2.97
N VAL A 213 1.03 -17.70 -1.79
CA VAL A 213 1.33 -19.04 -1.20
C VAL A 213 0.22 -19.39 -0.22
N TYR A 214 -0.19 -20.64 -0.19
CA TYR A 214 -1.29 -21.13 0.66
C TYR A 214 -0.84 -22.40 1.39
N THR A 215 -1.62 -22.78 2.38
CA THR A 215 -1.52 -24.07 3.11
C THR A 215 -2.88 -24.78 2.95
N SER A 216 -2.83 -26.05 2.59
CA SER A 216 -3.98 -26.98 2.44
C SER A 216 -3.51 -28.41 2.72
N ASN A 217 -4.24 -29.17 3.53
CA ASN A 217 -3.91 -30.59 3.82
C ASN A 217 -2.43 -30.70 4.19
N ASN A 218 -1.97 -29.86 5.13
CA ASN A 218 -0.64 -29.96 5.78
C ASN A 218 0.50 -29.85 4.76
N THR A 219 0.31 -29.09 3.67
CA THR A 219 1.40 -28.67 2.76
C THR A 219 1.19 -27.24 2.27
N THR A 220 2.28 -26.55 1.96
CA THR A 220 2.22 -25.26 1.23
C THR A 220 2.12 -25.60 -0.25
N LEU A 221 1.51 -24.70 -1.00
CA LEU A 221 1.45 -24.79 -2.47
C LEU A 221 1.31 -23.39 -3.03
N ASP A 222 1.69 -23.21 -4.27
CA ASP A 222 1.38 -21.97 -5.01
C ASP A 222 0.99 -22.40 -6.43
N PHE A 223 0.55 -21.44 -7.21
CA PHE A 223 0.10 -21.61 -8.59
C PHE A 223 0.97 -20.73 -9.50
N ILE A 224 1.52 -21.27 -10.56
CA ILE A 224 2.27 -20.43 -11.52
C ILE A 224 1.69 -20.69 -12.90
N ILE A 225 1.87 -19.71 -13.75
CA ILE A 225 1.49 -19.80 -15.17
C ILE A 225 2.75 -19.72 -16.04
N TYR A 226 2.93 -20.69 -16.91
CA TYR A 226 3.92 -20.68 -18.01
C TYR A 226 3.22 -20.22 -19.28
N LYS A 227 3.89 -19.36 -20.06
CA LYS A 227 3.40 -18.90 -21.38
C LYS A 227 4.38 -19.36 -22.45
N LYS A 228 3.86 -19.89 -23.56
CA LYS A 228 4.63 -20.26 -24.77
C LYS A 228 5.41 -19.02 -25.22
N THR A 229 6.73 -19.12 -25.31
CA THR A 229 7.56 -17.98 -25.78
C THR A 229 7.31 -17.73 -27.28
N ASN A 230 7.72 -16.57 -27.80
CA ASN A 230 7.53 -16.16 -29.22
C ASN A 230 8.32 -17.12 -30.15
N ASN A 231 9.65 -17.02 -30.15
CA ASN A 231 10.58 -17.82 -30.99
C ASN A 231 10.18 -17.69 -32.47
N ASP A 283 -15.84 3.06 -19.87
CA ASP A 283 -15.98 4.01 -21.01
C ASP A 283 -14.63 4.67 -21.31
N ASP A 284 -14.49 5.24 -22.52
CA ASP A 284 -13.20 5.65 -23.16
C ASP A 284 -12.64 6.94 -22.53
N GLU A 285 -13.52 7.90 -22.16
CA GLU A 285 -13.11 9.23 -21.60
C GLU A 285 -12.66 9.06 -20.14
N GLU A 286 -12.89 7.89 -19.53
CA GLU A 286 -12.41 7.53 -18.16
C GLU A 286 -10.90 7.24 -18.17
N GLU A 287 -10.36 6.75 -19.30
CA GLU A 287 -8.89 6.48 -19.47
C GLU A 287 -8.20 7.81 -19.83
N ASP A 288 -8.94 8.79 -20.39
CA ASP A 288 -8.42 10.17 -20.64
C ASP A 288 -8.26 10.92 -19.29
N ASP A 289 -9.25 10.82 -18.39
CA ASP A 289 -9.21 11.44 -17.05
C ASP A 289 -7.95 10.96 -16.31
N PHE A 290 -7.64 9.66 -16.40
CA PHE A 290 -6.43 9.07 -15.78
C PHE A 290 -5.23 9.85 -16.29
N VAL A 291 -5.07 9.93 -17.62
CA VAL A 291 -3.92 10.59 -18.30
C VAL A 291 -3.78 12.02 -17.78
N TYR A 292 -4.92 12.70 -17.65
CA TYR A 292 -4.96 14.12 -17.22
C TYR A 292 -4.38 14.21 -15.79
N PHE A 293 -4.76 13.30 -14.89
CA PHE A 293 -4.38 13.33 -13.46
C PHE A 293 -2.90 12.96 -13.33
N ASN A 294 -2.21 12.63 -14.42
CA ASN A 294 -0.76 12.29 -14.37
C ASN A 294 0.07 13.30 -15.15
N PHE A 295 -0.49 14.46 -15.48
CA PHE A 295 0.19 15.58 -16.18
C PHE A 295 1.48 15.97 -15.47
N ASN A 296 1.56 15.81 -14.15
CA ASN A 296 2.75 16.30 -13.40
C ASN A 296 3.63 15.13 -12.95
N LYS A 297 3.96 14.20 -13.84
CA LYS A 297 4.87 13.08 -13.50
C LYS A 297 6.24 13.30 -14.15
N GLU A 298 7.23 12.52 -13.72
CA GLU A 298 8.65 12.62 -14.13
C GLU A 298 8.83 11.80 -15.42
N LYS A 299 9.70 12.28 -16.33
CA LYS A 299 10.13 11.56 -17.55
C LYS A 299 11.08 10.40 -17.14
N GLU A 300 11.73 10.52 -15.97
CA GLU A 300 12.83 9.62 -15.53
C GLU A 300 12.82 9.47 -13.99
N GLU A 301 13.35 8.33 -13.50
CA GLU A 301 13.72 8.08 -12.07
C GLU A 301 15.25 8.21 -11.93
N LYS A 302 15.72 8.87 -10.86
CA LYS A 302 17.11 9.40 -10.73
C LYS A 302 18.18 8.32 -10.99
N ASN A 303 18.04 7.14 -10.40
CA ASN A 303 19.01 6.02 -10.52
C ASN A 303 18.54 5.02 -11.58
N LYS A 304 17.41 5.28 -12.27
CA LYS A 304 16.91 4.45 -13.41
C LYS A 304 17.98 4.39 -14.50
N ASN A 305 18.66 5.53 -14.74
CA ASN A 305 19.75 5.70 -15.73
C ASN A 305 21.10 5.21 -15.16
N SER A 306 21.16 4.87 -13.87
CA SER A 306 22.36 4.29 -13.20
C SER A 306 22.12 2.81 -12.82
N ILE A 307 20.85 2.38 -12.73
CA ILE A 307 20.42 0.95 -12.61
C ILE A 307 19.44 0.68 -13.75
N HIS A 308 19.91 -0.02 -14.79
CA HIS A 308 19.23 -0.16 -16.11
C HIS A 308 18.20 -1.29 -16.01
N PRO A 309 16.88 -1.01 -16.10
CA PRO A 309 15.90 -2.06 -15.89
C PRO A 309 15.96 -3.21 -16.92
N ASN A 310 16.79 -3.09 -17.97
CA ASN A 310 17.11 -4.25 -18.86
C ASN A 310 17.97 -5.27 -18.07
N ASP A 311 18.51 -4.89 -16.91
CA ASP A 311 19.13 -5.82 -15.93
C ASP A 311 18.07 -6.56 -15.11
N PHE A 312 16.79 -6.19 -15.19
CA PHE A 312 15.66 -6.86 -14.49
C PHE A 312 14.70 -7.54 -15.51
N GLN A 313 15.26 -8.14 -16.57
CA GLN A 313 14.48 -8.76 -17.67
C GLN A 313 13.46 -9.73 -17.08
N ILE A 314 13.90 -10.68 -16.25
CA ILE A 314 13.00 -11.68 -15.61
C ILE A 314 12.01 -10.92 -14.72
N TYR A 315 12.48 -10.17 -13.72
CA TYR A 315 11.61 -9.45 -12.74
C TYR A 315 10.57 -8.65 -13.52
N ASN A 316 10.94 -7.98 -14.62
CA ASN A 316 9.97 -7.11 -15.34
C ASN A 316 9.10 -7.92 -16.32
N SER A 317 9.49 -9.13 -16.69
CA SER A 317 8.71 -10.01 -17.61
C SER A 317 7.48 -10.61 -16.91
N LEU A 318 7.42 -10.59 -15.57
CA LEU A 318 6.29 -11.22 -14.84
C LEU A 318 5.13 -10.24 -14.91
N LYS A 319 3.91 -10.74 -15.14
CA LYS A 319 2.69 -9.90 -15.16
C LYS A 319 2.10 -9.87 -13.75
N TYR A 320 1.83 -11.01 -13.11
CA TYR A 320 1.29 -11.06 -11.73
C TYR A 320 2.40 -11.58 -10.82
N LYS A 321 2.80 -10.77 -9.84
CA LYS A 321 3.86 -11.05 -8.85
C LYS A 321 3.22 -11.08 -7.46
N TYR A 322 2.40 -12.10 -7.19
CA TYR A 322 1.49 -12.19 -6.02
C TYR A 322 2.16 -12.99 -4.89
N HIS A 323 3.28 -13.65 -5.19
CA HIS A 323 4.05 -14.44 -4.19
C HIS A 323 4.53 -13.46 -3.12
N PRO A 324 4.30 -13.72 -1.81
CA PRO A 324 4.63 -12.73 -0.79
C PRO A 324 6.12 -12.34 -0.71
N GLU A 325 7.02 -13.13 -1.28
CA GLU A 325 8.44 -12.74 -1.37
C GLU A 325 8.54 -11.45 -2.18
N TYR A 326 7.60 -11.13 -3.06
CA TYR A 326 7.64 -9.92 -3.92
C TYR A 326 7.50 -8.64 -3.07
N GLN A 327 6.93 -8.74 -1.88
CA GLN A 327 6.91 -7.61 -0.92
C GLN A 327 8.34 -7.16 -0.63
N TYR A 328 9.24 -8.11 -0.38
CA TYR A 328 10.68 -7.87 -0.11
C TYR A 328 11.34 -7.44 -1.42
N LEU A 329 11.09 -8.16 -2.51
CA LEU A 329 11.85 -7.94 -3.75
C LEU A 329 11.46 -6.61 -4.36
N ASN A 330 10.18 -6.22 -4.26
CA ASN A 330 9.70 -4.93 -4.81
C ASN A 330 10.31 -3.77 -4.03
N ILE A 331 10.42 -3.89 -2.71
CA ILE A 331 11.03 -2.81 -1.87
C ILE A 331 12.48 -2.62 -2.36
N ILE A 332 13.20 -3.68 -2.65
CA ILE A 332 14.59 -3.59 -3.19
C ILE A 332 14.52 -2.84 -4.52
N TYR A 333 13.58 -3.24 -5.36
CA TYR A 333 13.41 -2.61 -6.69
C TYR A 333 13.15 -1.11 -6.46
N ASP A 334 12.27 -0.82 -5.52
CA ASP A 334 11.82 0.57 -5.33
C ASP A 334 13.05 1.38 -4.89
N ILE A 335 13.84 0.83 -3.97
CA ILE A 335 15.02 1.55 -3.44
C ILE A 335 16.05 1.71 -4.57
N MET A 336 16.20 0.70 -5.43
CA MET A 336 17.22 0.77 -6.50
C MET A 336 16.84 1.86 -7.51
N MET A 337 15.56 2.04 -7.79
CA MET A 337 15.10 2.93 -8.88
C MET A 337 14.91 4.34 -8.35
N ASN A 338 14.39 4.48 -7.10
CA ASN A 338 13.93 5.77 -6.55
C ASN A 338 14.70 6.15 -5.28
N GLY A 339 15.59 5.29 -4.79
CA GLY A 339 16.37 5.56 -3.57
C GLY A 339 17.23 6.81 -3.63
N ASN A 340 17.55 7.32 -2.44
CA ASN A 340 18.37 8.54 -2.22
C ASN A 340 19.80 8.05 -1.97
N LYS A 341 20.76 8.59 -2.70
CA LYS A 341 22.20 8.32 -2.48
C LYS A 341 22.64 9.02 -1.19
N GLN A 342 23.17 8.28 -0.22
CA GLN A 342 23.54 8.82 1.10
C GLN A 342 24.79 8.11 1.60
N SER A 343 25.51 8.77 2.48
CA SER A 343 26.55 8.21 3.37
C SER A 343 25.86 7.56 4.60
N ASP A 344 26.64 6.89 5.45
CA ASP A 344 26.12 6.30 6.71
C ASP A 344 27.29 6.13 7.69
N ARG A 345 26.94 5.84 8.94
CA ARG A 345 27.83 5.41 10.05
C ARG A 345 29.00 4.56 9.51
N THR A 346 28.69 3.56 8.66
CA THR A 346 29.63 2.50 8.19
C THR A 346 30.66 3.05 7.19
N GLY A 347 30.39 4.17 6.48
CA GLY A 347 31.24 4.70 5.38
C GLY A 347 30.93 4.07 4.00
N VAL A 348 30.28 2.90 3.98
CA VAL A 348 29.97 2.07 2.77
C VAL A 348 29.11 2.89 1.78
N GLY A 349 28.15 3.69 2.26
CA GLY A 349 27.25 4.36 1.32
C GLY A 349 26.04 3.49 0.93
N VAL A 350 24.88 4.12 0.81
CA VAL A 350 23.63 3.38 0.59
C VAL A 350 22.80 4.07 -0.47
N LEU A 351 21.81 3.33 -0.99
CA LEU A 351 20.56 3.93 -1.50
C LEU A 351 19.51 3.81 -0.41
N SER A 352 18.77 4.88 -0.08
CA SER A 352 17.81 4.80 1.06
C SER A 352 16.43 5.29 0.67
N LYS A 353 15.42 4.81 1.39
CA LYS A 353 14.03 5.35 1.40
C LYS A 353 13.50 5.20 2.83
N PHE A 354 12.34 5.79 3.07
CA PHE A 354 11.82 5.92 4.45
C PHE A 354 10.38 5.47 4.49
N GLY A 355 10.12 4.38 5.22
CA GLY A 355 8.73 3.98 5.57
C GLY A 355 8.16 2.96 4.58
N TYR A 356 8.18 1.68 4.95
CA TYR A 356 7.51 0.64 4.16
C TYR A 356 6.82 -0.32 5.13
N ILE A 357 5.88 -1.09 4.60
CA ILE A 357 5.16 -2.12 5.38
C ILE A 357 5.05 -3.38 4.53
N MET A 358 5.43 -4.50 5.13
CA MET A 358 5.30 -5.85 4.58
C MET A 358 4.37 -6.66 5.49
N LYS A 359 3.51 -7.50 4.93
CA LYS A 359 2.63 -8.41 5.72
C LYS A 359 2.82 -9.84 5.24
N PHE A 360 2.95 -10.76 6.18
CA PHE A 360 3.12 -12.19 5.91
C PHE A 360 2.09 -12.94 6.74
N ASP A 361 1.39 -13.87 6.09
CA ASP A 361 0.32 -14.70 6.67
C ASP A 361 0.95 -15.99 7.18
N LEU A 362 1.24 -16.06 8.48
CA LEU A 362 1.94 -17.22 9.10
C LEU A 362 1.04 -18.46 9.16
N SER A 363 -0.29 -18.30 9.10
CA SER A 363 -1.24 -19.43 9.02
C SER A 363 -1.04 -20.15 7.69
N GLN A 364 -0.52 -19.49 6.65
CA GLN A 364 -0.49 -20.03 5.26
C GLN A 364 0.94 -20.43 4.88
N TYR A 365 1.96 -19.94 5.56
CA TYR A 365 3.38 -20.22 5.22
C TYR A 365 4.32 -19.59 6.26
N PHE A 366 5.59 -20.01 6.19
CA PHE A 366 6.72 -19.45 6.96
C PHE A 366 7.61 -18.72 5.97
N PRO A 367 7.71 -17.37 6.07
CA PRO A 367 8.24 -16.55 4.99
C PRO A 367 9.76 -16.45 5.05
N LEU A 368 10.42 -17.59 4.88
CA LEU A 368 11.87 -17.67 4.66
C LEU A 368 12.17 -17.46 3.20
N LEU A 369 12.91 -16.42 2.87
CA LEU A 369 13.20 -16.10 1.45
C LEU A 369 13.75 -17.31 0.69
N THR A 370 13.29 -17.46 -0.54
CA THR A 370 13.58 -18.63 -1.39
C THR A 370 14.54 -18.17 -2.49
N THR A 371 14.72 -16.87 -2.70
CA THR A 371 15.50 -16.37 -3.88
C THR A 371 16.99 -16.38 -3.55
N LYS A 372 17.32 -16.84 -2.38
CA LYS A 372 18.68 -17.19 -1.98
C LYS A 372 18.58 -18.08 -0.75
N LYS A 373 19.71 -18.70 -0.39
CA LYS A 373 19.77 -19.68 0.72
C LYS A 373 19.96 -18.91 2.01
N LEU A 374 19.06 -19.11 2.96
CA LEU A 374 19.21 -18.68 4.38
C LEU A 374 19.35 -19.95 5.21
N PHE A 375 20.15 -19.91 6.29
CA PHE A 375 20.19 -20.96 7.34
C PHE A 375 19.67 -20.30 8.62
N LEU A 376 18.86 -21.02 9.39
CA LEU A 376 18.11 -20.47 10.52
C LEU A 376 18.71 -20.81 11.88
N ARG A 377 19.66 -21.73 11.95
CA ARG A 377 20.23 -22.20 13.25
C ARG A 377 20.73 -20.97 14.02
N GLY A 378 21.56 -20.12 13.40
CA GLY A 378 22.07 -18.85 13.92
C GLY A 378 20.94 -18.02 14.52
N ILE A 379 19.93 -17.69 13.73
CA ILE A 379 18.92 -16.73 14.22
C ILE A 379 17.95 -17.41 15.21
N ILE A 380 17.74 -18.71 15.14
CA ILE A 380 16.99 -19.41 16.21
C ILE A 380 17.83 -19.35 17.50
N GLU A 381 19.15 -19.57 17.42
CA GLU A 381 20.03 -19.51 18.63
C GLU A 381 20.02 -18.07 19.18
N GLU A 382 20.15 -17.07 18.32
CA GLU A 382 20.07 -15.64 18.75
C GLU A 382 18.76 -15.39 19.50
N LEU A 383 17.64 -15.83 18.97
CA LEU A 383 16.31 -15.62 19.58
C LEU A 383 16.23 -16.33 20.94
N LEU A 384 16.74 -17.56 21.05
CA LEU A 384 16.71 -18.27 22.36
C LEU A 384 17.58 -17.50 23.35
N TRP A 385 18.72 -16.99 22.88
CA TRP A 385 19.66 -16.16 23.68
C TRP A 385 18.97 -14.88 24.16
N PHE A 386 18.18 -14.19 23.31
CA PHE A 386 17.33 -13.05 23.73
C PHE A 386 16.45 -13.50 24.88
N ILE A 387 15.73 -14.59 24.69
CA ILE A 387 14.62 -14.98 25.63
C ILE A 387 15.21 -15.30 27.00
N ARG A 388 16.41 -15.90 27.06
CA ARG A 388 17.09 -16.20 28.33
C ARG A 388 17.51 -14.88 28.98
N GLY A 389 17.45 -13.76 28.26
CA GLY A 389 17.95 -12.47 28.76
C GLY A 389 19.46 -12.33 28.67
N GLU A 390 20.16 -13.11 27.84
CA GLU A 390 21.64 -13.09 27.77
C GLU A 390 22.15 -11.85 27.00
N THR A 391 23.33 -11.37 27.41
CA THR A 391 24.08 -10.31 26.75
C THR A 391 25.51 -10.80 26.49
N ASN A 392 25.80 -12.06 26.83
CA ASN A 392 27.16 -12.66 26.76
C ASN A 392 27.42 -13.15 25.33
N GLY A 393 28.21 -12.40 24.56
CA GLY A 393 28.55 -12.74 23.18
C GLY A 393 29.30 -14.06 23.10
N ASN A 394 30.02 -14.47 24.15
CA ASN A 394 30.72 -15.78 24.11
C ASN A 394 29.71 -16.93 23.95
N THR A 395 28.54 -16.91 24.58
CA THR A 395 27.54 -18.01 24.49
C THR A 395 27.20 -18.32 23.01
N LEU A 396 27.02 -17.30 22.18
CA LEU A 396 26.70 -17.44 20.74
C LEU A 396 27.95 -17.97 20.03
N LEU A 397 29.10 -17.33 20.22
CA LEU A 397 30.38 -17.73 19.58
C LEU A 397 30.66 -19.23 19.81
N ASN A 398 30.36 -19.77 20.99
CA ASN A 398 30.65 -21.18 21.36
C ASN A 398 29.67 -22.15 20.68
N LYS A 399 28.51 -21.66 20.26
CA LYS A 399 27.57 -22.37 19.35
C LYS A 399 27.94 -22.10 17.88
N ASN A 400 29.04 -21.40 17.64
CA ASN A 400 29.50 -21.00 16.29
C ASN A 400 28.42 -20.17 15.57
N VAL A 401 27.86 -19.18 16.28
CA VAL A 401 27.00 -18.08 15.75
C VAL A 401 27.78 -16.77 15.95
N ARG A 402 28.09 -16.08 14.84
CA ARG A 402 29.08 -14.96 14.78
C ARG A 402 28.36 -13.66 14.46
N ILE A 403 27.02 -13.68 14.57
CA ILE A 403 26.12 -12.53 14.30
C ILE A 403 26.68 -11.29 14.98
N TRP A 404 27.11 -11.42 16.25
CA TRP A 404 27.48 -10.30 17.15
C TRP A 404 28.99 -10.19 17.35
N GLU A 405 29.79 -10.99 16.65
CA GLU A 405 31.24 -11.09 16.89
C GLU A 405 31.85 -9.72 16.64
N ALA A 406 31.63 -9.09 15.48
CA ALA A 406 32.30 -7.81 15.15
C ALA A 406 31.89 -6.72 16.15
N ASN A 407 30.74 -6.86 16.82
CA ASN A 407 30.20 -5.78 17.68
C ASN A 407 30.72 -5.93 19.12
N GLY A 408 31.37 -7.05 19.43
CA GLY A 408 31.92 -7.32 20.76
C GLY A 408 33.44 -7.15 20.86
N THR A 409 34.12 -6.75 19.77
CA THR A 409 35.62 -6.73 19.77
C THR A 409 36.13 -5.60 20.66
N ARG A 410 37.37 -5.73 21.13
CA ARG A 410 38.08 -4.63 21.85
C ARG A 410 37.93 -3.33 21.06
N GLU A 411 38.22 -3.37 19.75
CA GLU A 411 38.27 -2.17 18.88
C GLU A 411 36.85 -1.60 18.77
N PHE A 412 35.86 -2.44 18.51
CA PHE A 412 34.48 -1.94 18.31
C PHE A 412 34.03 -1.32 19.66
N LEU A 413 34.19 -2.01 20.78
CA LEU A 413 33.81 -1.46 22.12
C LEU A 413 34.48 -0.11 22.40
N ASP A 414 35.80 0.01 22.20
CA ASP A 414 36.55 1.27 22.46
C ASP A 414 36.10 2.38 21.52
N ASN A 415 35.80 2.08 20.26
CA ASN A 415 35.27 3.11 19.31
C ASN A 415 33.89 3.57 19.81
N ARG A 416 33.15 2.76 20.59
CA ARG A 416 31.85 3.14 21.26
C ARG A 416 32.12 3.85 22.58
N LYS A 417 33.39 4.00 22.94
CA LYS A 417 33.82 4.62 24.22
C LYS A 417 33.41 3.69 25.36
N LEU A 418 33.31 2.38 25.11
CA LEU A 418 32.99 1.38 26.17
C LEU A 418 34.33 0.78 26.65
N PHE A 419 35.18 1.64 27.20
CA PHE A 419 36.57 1.30 27.58
C PHE A 419 36.52 0.36 28.78
N HIS A 420 35.42 0.36 29.57
CA HIS A 420 35.32 -0.47 30.81
C HIS A 420 34.48 -1.72 30.57
N ARG A 421 34.30 -2.09 29.32
CA ARG A 421 33.46 -3.23 28.91
C ARG A 421 34.38 -4.38 28.49
N GLU A 422 34.16 -5.58 29.04
CA GLU A 422 34.87 -6.81 28.63
C GLU A 422 34.48 -7.19 27.20
N VAL A 423 35.47 -7.66 26.43
CA VAL A 423 35.31 -8.20 25.05
C VAL A 423 34.06 -9.11 25.00
N ASN A 424 33.22 -8.91 23.99
CA ASN A 424 31.93 -9.64 23.77
C ASN A 424 30.90 -9.38 24.89
N ASP A 425 31.15 -8.48 25.83
CA ASP A 425 30.05 -8.06 26.74
C ASP A 425 29.25 -7.00 25.98
N LEU A 426 28.09 -7.35 25.41
CA LEU A 426 27.43 -6.44 24.45
C LEU A 426 26.61 -5.37 25.20
N GLY A 427 26.55 -5.46 26.51
CA GLY A 427 25.84 -4.44 27.32
C GLY A 427 24.35 -4.72 27.29
N PRO A 428 23.49 -3.76 27.72
CA PRO A 428 22.08 -4.05 27.96
C PRO A 428 21.26 -3.98 26.68
N ILE A 429 21.48 -4.95 25.79
CA ILE A 429 20.80 -5.11 24.48
C ILE A 429 19.55 -5.94 24.71
N TYR A 430 18.95 -6.41 23.62
CA TYR A 430 17.57 -6.97 23.52
C TYR A 430 17.23 -7.81 24.74
N GLY A 431 18.02 -8.85 24.99
CA GLY A 431 17.75 -9.83 26.05
C GLY A 431 17.59 -9.17 27.39
N PHE A 432 18.52 -8.29 27.72
CA PHE A 432 18.46 -7.54 28.98
C PHE A 432 17.20 -6.66 29.01
N GLN A 433 16.88 -5.96 27.93
CA GLN A 433 15.69 -5.06 27.89
C GLN A 433 14.39 -5.89 27.98
N TRP A 434 14.34 -7.08 27.35
CA TRP A 434 13.12 -7.94 27.34
C TRP A 434 12.83 -8.46 28.74
N ARG A 435 13.86 -8.82 29.52
CA ARG A 435 13.71 -9.46 30.85
C ARG A 435 13.94 -8.46 32.00
N HIS A 436 14.60 -7.30 31.80
CA HIS A 436 15.08 -6.43 32.93
C HIS A 436 15.04 -4.93 32.64
N PHE A 437 14.16 -4.45 31.78
CA PHE A 437 14.15 -3.02 31.38
C PHE A 437 14.13 -2.12 32.62
N GLY A 438 15.09 -1.20 32.69
CA GLY A 438 15.18 -0.23 33.80
C GLY A 438 16.15 -0.62 34.90
N ALA A 439 16.60 -1.87 34.95
CA ALA A 439 17.64 -2.28 35.90
C ALA A 439 18.97 -1.64 35.46
N GLU A 440 19.89 -1.48 36.40
CA GLU A 440 21.21 -0.93 36.07
C GLU A 440 22.05 -2.08 35.53
N TYR A 441 22.50 -1.98 34.30
CA TYR A 441 23.39 -3.02 33.75
C TYR A 441 24.74 -2.99 34.48
N THR A 442 25.27 -4.16 34.85
CA THR A 442 26.58 -4.28 35.51
C THR A 442 27.54 -4.89 34.50
N ASN A 443 27.54 -6.22 34.41
CA ASN A 443 28.29 -7.00 33.40
C ASN A 443 27.38 -8.14 32.94
N MET A 444 27.85 -8.86 31.91
CA MET A 444 27.14 -9.98 31.26
C MET A 444 27.08 -11.20 32.18
N TYR A 445 27.75 -11.21 33.33
CA TYR A 445 27.71 -12.40 34.22
C TYR A 445 26.72 -12.19 35.37
N ASP A 446 26.26 -10.96 35.59
CA ASP A 446 25.46 -10.65 36.81
C ASP A 446 24.14 -11.43 36.72
N ASN A 447 23.57 -11.83 37.84
CA ASN A 447 22.21 -12.40 37.84
C ASN A 447 21.28 -11.24 38.22
N TYR A 448 20.54 -10.72 37.25
CA TYR A 448 19.67 -9.53 37.45
C TYR A 448 18.32 -9.98 38.01
N GLU A 449 18.34 -10.90 38.97
CA GLU A 449 17.16 -11.65 39.47
C GLU A 449 16.08 -10.67 39.90
N ASN A 450 14.90 -10.72 39.28
CA ASN A 450 13.75 -9.86 39.68
C ASN A 450 14.18 -8.39 39.77
N LYS A 451 15.05 -7.94 38.86
CA LYS A 451 15.42 -6.51 38.72
C LYS A 451 14.83 -6.00 37.40
N GLY A 452 14.26 -4.81 37.44
CA GLY A 452 13.71 -4.18 36.24
C GLY A 452 12.43 -4.87 35.80
N VAL A 453 11.91 -4.50 34.66
CA VAL A 453 10.59 -4.99 34.21
C VAL A 453 10.82 -6.16 33.26
N ASP A 454 10.24 -7.30 33.57
CA ASP A 454 10.24 -8.50 32.70
C ASP A 454 9.10 -8.34 31.67
N GLN A 455 9.33 -7.56 30.60
CA GLN A 455 8.21 -7.17 29.71
C GLN A 455 7.83 -8.42 28.90
N LEU A 456 8.72 -9.39 28.75
CA LEU A 456 8.38 -10.63 28.02
C LEU A 456 7.25 -11.35 28.78
N LYS A 457 7.42 -11.56 30.08
CA LYS A 457 6.41 -12.23 30.93
C LYS A 457 5.16 -11.37 30.92
N ASN A 458 5.30 -10.05 30.96
CA ASN A 458 4.10 -9.18 31.01
C ASN A 458 3.29 -9.30 29.71
N ILE A 459 3.91 -9.37 28.53
CA ILE A 459 3.14 -9.42 27.26
C ILE A 459 2.45 -10.77 27.16
N ILE A 460 3.10 -11.86 27.57
CA ILE A 460 2.47 -13.21 27.60
C ILE A 460 1.25 -13.14 28.52
N ASN A 461 1.37 -12.53 29.69
CA ASN A 461 0.22 -12.36 30.62
C ASN A 461 -0.89 -11.59 29.92
N LEU A 462 -0.56 -10.52 29.20
CA LEU A 462 -1.64 -9.66 28.67
C LEU A 462 -2.39 -10.43 27.58
N ILE A 463 -1.65 -11.15 26.74
CA ILE A 463 -2.22 -11.90 25.61
C ILE A 463 -3.17 -12.98 26.18
N LYS A 464 -2.82 -13.65 27.30
CA LYS A 464 -3.69 -14.69 27.92
C LYS A 464 -4.88 -14.03 28.64
N ASN A 465 -4.66 -12.92 29.37
CA ASN A 465 -5.69 -12.42 30.33
C ASN A 465 -6.38 -11.14 29.88
N ASP A 466 -5.77 -10.37 28.97
CA ASP A 466 -6.38 -9.10 28.48
C ASP A 466 -6.09 -9.00 26.99
N PRO A 467 -6.55 -9.99 26.19
CA PRO A 467 -6.17 -10.09 24.78
C PRO A 467 -6.57 -8.88 23.90
N THR A 468 -7.53 -8.07 24.32
CA THR A 468 -8.02 -6.88 23.56
C THR A 468 -7.24 -5.63 23.99
N SER A 469 -6.24 -5.78 24.86
CA SER A 469 -5.38 -4.65 25.27
C SER A 469 -4.71 -4.06 24.03
N ARG A 470 -4.64 -2.74 23.98
CA ARG A 470 -3.89 -2.04 22.93
C ARG A 470 -2.53 -1.64 23.49
N ARG A 471 -2.08 -2.30 24.55
CA ARG A 471 -0.83 -1.96 25.25
C ARG A 471 0.09 -3.16 25.29
N ILE A 472 -0.10 -4.16 24.42
CA ILE A 472 0.77 -5.36 24.39
C ILE A 472 1.99 -5.07 23.51
N LEU A 473 2.97 -4.39 24.09
CA LEU A 473 4.24 -3.99 23.39
C LEU A 473 5.46 -4.48 24.14
N LEU A 474 6.45 -4.92 23.40
CA LEU A 474 7.77 -5.33 23.88
C LEU A 474 8.73 -4.33 23.21
N CYS A 475 9.40 -3.47 23.99
CA CYS A 475 10.24 -2.36 23.50
C CYS A 475 11.70 -2.57 23.92
N ALA A 476 12.63 -2.64 22.97
CA ALA A 476 14.09 -2.78 23.24
C ALA A 476 14.80 -1.42 23.30
N TRP A 477 14.15 -0.37 22.86
CA TRP A 477 14.75 0.98 22.73
C TRP A 477 14.66 1.68 24.09
N ASN A 478 15.60 1.34 24.96
CA ASN A 478 15.78 2.00 26.28
C ASN A 478 16.74 3.18 26.12
N VAL A 479 16.17 4.38 26.06
CA VAL A 479 16.85 5.66 25.76
C VAL A 479 17.98 5.88 26.77
N LYS A 480 17.73 5.58 28.04
CA LYS A 480 18.72 5.67 29.13
C LYS A 480 19.92 4.77 28.79
N ASP A 481 19.73 3.60 28.16
CA ASP A 481 20.78 2.55 28.07
C ASP A 481 21.50 2.56 26.72
N LEU A 482 21.08 3.41 25.77
CA LEU A 482 21.56 3.32 24.38
C LEU A 482 23.10 3.36 24.36
N ASP A 483 23.76 4.32 25.03
CA ASP A 483 25.24 4.50 24.91
C ASP A 483 25.99 3.36 25.62
N GLN A 484 25.32 2.52 26.39
CA GLN A 484 25.98 1.39 27.08
C GLN A 484 25.92 0.14 26.18
N MET A 485 25.15 0.19 25.08
CA MET A 485 24.90 -0.98 24.21
C MET A 485 26.00 -0.96 23.15
N ALA A 486 26.54 -2.12 22.79
CA ALA A 486 27.44 -2.24 21.62
C ALA A 486 26.80 -1.51 20.44
N LEU A 487 25.49 -1.70 20.29
CA LEU A 487 24.73 -1.16 19.14
C LEU A 487 23.33 -0.88 19.65
N PRO A 488 22.73 0.30 19.42
CA PRO A 488 21.34 0.48 19.78
C PRO A 488 20.48 -0.46 18.92
N PRO A 489 19.36 -0.97 19.44
CA PRO A 489 18.55 -1.91 18.69
C PRO A 489 18.06 -1.40 17.33
N CYS A 490 18.11 -2.25 16.30
CA CYS A 490 17.44 -2.03 15.00
C CYS A 490 15.93 -2.36 15.11
N HIS A 491 15.59 -3.39 15.87
CA HIS A 491 14.20 -3.85 16.11
C HIS A 491 13.74 -3.19 17.37
N ILE A 492 13.01 -2.09 17.21
CA ILE A 492 12.61 -1.15 18.29
C ILE A 492 11.53 -1.83 19.13
N LEU A 493 10.51 -2.37 18.51
CA LEU A 493 9.33 -2.78 19.29
C LEU A 493 8.56 -3.84 18.49
N CYS A 494 7.94 -4.74 19.23
CA CYS A 494 6.89 -5.68 18.79
C CYS A 494 5.61 -5.22 19.47
N GLN A 495 4.52 -5.11 18.72
CA GLN A 495 3.18 -4.97 19.31
C GLN A 495 2.34 -6.16 18.89
N PHE A 496 1.49 -6.65 19.78
CA PHE A 496 0.66 -7.85 19.51
C PHE A 496 -0.82 -7.44 19.44
N TYR A 497 -1.57 -8.23 18.67
CA TYR A 497 -3.01 -8.09 18.36
C TYR A 497 -3.63 -9.49 18.42
N VAL A 498 -4.73 -9.62 19.16
CA VAL A 498 -5.42 -10.93 19.31
C VAL A 498 -6.86 -10.73 18.84
N PHE A 499 -7.27 -11.52 17.85
CA PHE A 499 -8.69 -11.58 17.41
C PHE A 499 -9.03 -13.05 17.15
N ASP A 500 -10.17 -13.50 17.70
CA ASP A 500 -10.76 -14.83 17.44
C ASP A 500 -9.73 -15.95 17.60
N GLY A 501 -8.96 -15.98 18.69
CA GLY A 501 -7.99 -17.07 18.94
C GLY A 501 -6.76 -16.97 18.06
N LYS A 502 -6.51 -15.81 17.43
CA LYS A 502 -5.35 -15.64 16.51
C LYS A 502 -4.48 -14.44 16.90
N LEU A 503 -3.17 -14.65 16.89
CA LEU A 503 -2.15 -13.66 17.26
C LEU A 503 -1.48 -13.08 16.02
N SER A 504 -1.54 -11.76 15.86
CA SER A 504 -0.70 -11.00 14.92
C SER A 504 0.35 -10.18 15.68
N CYS A 505 1.44 -9.84 14.99
CA CYS A 505 2.61 -9.11 15.54
C CYS A 505 3.05 -8.03 14.54
N ILE A 506 3.24 -6.79 14.99
CA ILE A 506 3.93 -5.73 14.20
C ILE A 506 5.30 -5.56 14.84
N MET A 507 6.36 -5.57 14.02
CA MET A 507 7.70 -5.17 14.51
C MET A 507 8.14 -3.94 13.73
N TYR A 508 8.53 -2.89 14.43
CA TYR A 508 9.03 -1.63 13.85
C TYR A 508 10.56 -1.68 13.83
N GLN A 509 11.14 -1.63 12.62
CA GLN A 509 12.60 -1.65 12.44
C GLN A 509 13.09 -0.28 11.96
N ARG A 510 13.95 0.38 12.77
CA ARG A 510 14.39 1.78 12.57
C ARG A 510 15.37 1.80 11.41
N SER A 511 16.08 0.70 11.26
CA SER A 511 17.22 0.65 10.35
C SER A 511 17.23 -0.73 9.73
N CYS A 512 17.20 -0.78 8.41
CA CYS A 512 16.87 -2.00 7.64
C CYS A 512 17.88 -2.16 6.52
N ASP A 513 18.86 -3.06 6.72
CA ASP A 513 19.82 -3.55 5.71
C ASP A 513 19.07 -4.56 4.85
N LEU A 514 18.68 -4.18 3.64
CA LEU A 514 17.74 -5.03 2.87
C LEU A 514 18.43 -6.25 2.31
N GLY A 515 19.71 -6.13 1.95
CA GLY A 515 20.48 -7.25 1.38
C GLY A 515 20.72 -8.35 2.41
N LEU A 516 21.07 -8.00 3.65
CA LEU A 516 21.65 -8.93 4.64
C LEU A 516 20.73 -9.07 5.84
N GLY A 517 20.28 -7.97 6.40
CA GLY A 517 19.55 -7.99 7.67
C GLY A 517 18.13 -8.47 7.47
N VAL A 518 17.37 -7.78 6.62
CA VAL A 518 15.89 -7.92 6.59
C VAL A 518 15.51 -9.41 6.41
N PRO A 519 16.16 -10.19 5.53
CA PRO A 519 15.76 -11.58 5.32
C PRO A 519 15.77 -12.38 6.62
N PHE A 520 16.83 -12.21 7.43
CA PHE A 520 16.99 -12.90 8.73
C PHE A 520 15.92 -12.36 9.68
N ASN A 521 15.63 -11.05 9.61
CA ASN A 521 14.75 -10.40 10.61
C ASN A 521 13.31 -10.84 10.39
N ILE A 522 12.88 -11.00 9.12
CA ILE A 522 11.52 -11.52 8.80
C ILE A 522 11.41 -12.89 9.47
N ALA A 523 12.44 -13.71 9.36
CA ALA A 523 12.41 -15.09 9.89
C ALA A 523 12.35 -15.05 11.42
N SER A 524 13.18 -14.21 12.08
CA SER A 524 13.26 -14.13 13.56
C SER A 524 11.87 -13.86 14.10
N TYR A 525 11.23 -12.78 13.62
CA TYR A 525 10.03 -12.26 14.29
C TYR A 525 8.84 -13.15 13.92
N SER A 526 8.88 -13.80 12.76
CA SER A 526 7.90 -14.82 12.35
C SER A 526 8.01 -16.02 13.30
N ILE A 527 9.23 -16.50 13.55
CA ILE A 527 9.47 -17.62 14.49
C ILE A 527 8.97 -17.20 15.87
N PHE A 528 9.26 -15.95 16.27
CA PHE A 528 8.96 -15.44 17.62
C PHE A 528 7.43 -15.36 17.77
N THR A 529 6.72 -14.90 16.74
CA THR A 529 5.23 -14.89 16.74
C THR A 529 4.67 -16.31 16.99
N HIS A 530 5.24 -17.32 16.35
CA HIS A 530 4.80 -18.74 16.56
C HIS A 530 4.99 -19.10 18.03
N MET A 531 6.19 -18.81 18.57
CA MET A 531 6.52 -19.21 19.95
C MET A 531 5.52 -18.57 20.90
N ILE A 532 5.21 -17.30 20.71
CA ILE A 532 4.33 -16.55 21.63
C ILE A 532 2.90 -17.05 21.45
N ALA A 533 2.44 -17.23 20.21
CA ALA A 533 1.11 -17.81 19.91
C ALA A 533 1.00 -19.18 20.64
N GLN A 534 1.99 -20.04 20.49
CA GLN A 534 1.91 -21.41 21.07
C GLN A 534 1.76 -21.36 22.60
N VAL A 535 2.56 -20.58 23.33
CA VAL A 535 2.52 -20.62 24.83
C VAL A 535 1.28 -19.88 25.35
N CYS A 536 0.59 -19.11 24.52
CA CYS A 536 -0.65 -18.37 24.89
C CYS A 536 -1.91 -19.09 24.43
N ASN A 537 -1.74 -20.25 23.76
CA ASN A 537 -2.78 -21.17 23.22
C ASN A 537 -3.54 -20.48 22.07
N LEU A 538 -2.80 -19.83 21.18
CA LEU A 538 -3.44 -19.10 20.07
C LEU A 538 -2.87 -19.66 18.76
N GLN A 539 -3.49 -19.29 17.64
CA GLN A 539 -2.93 -19.62 16.33
C GLN A 539 -2.26 -18.36 15.80
N PRO A 540 -1.07 -18.49 15.19
CA PRO A 540 -0.40 -17.37 14.52
C PRO A 540 -1.15 -16.94 13.26
N ALA A 541 -1.30 -15.62 13.08
CA ALA A 541 -1.99 -15.02 11.94
C ALA A 541 -0.94 -14.20 11.19
N GLN A 542 -0.93 -12.87 11.34
CA GLN A 542 -0.03 -12.00 10.55
C GLN A 542 1.20 -11.56 11.32
N PHE A 543 2.34 -11.65 10.65
CA PHE A 543 3.58 -10.92 11.00
C PHE A 543 3.64 -9.73 10.05
N ILE A 544 3.72 -8.55 10.62
CA ILE A 544 3.67 -7.25 9.91
C ILE A 544 4.98 -6.52 10.23
N HIS A 545 5.78 -6.24 9.22
CA HIS A 545 7.15 -5.70 9.32
C HIS A 545 7.13 -4.27 8.82
N VAL A 546 7.35 -3.29 9.70
CA VAL A 546 7.38 -1.83 9.32
C VAL A 546 8.85 -1.39 9.24
N LEU A 547 9.31 -0.93 8.06
CA LEU A 547 10.70 -0.47 7.77
C LEU A 547 10.75 1.06 7.91
N GLY A 548 11.55 1.56 8.83
CA GLY A 548 11.91 2.98 8.87
C GLY A 548 12.93 3.30 7.79
N ASN A 549 14.19 3.40 8.19
CA ASN A 549 15.26 3.79 7.24
C ASN A 549 15.63 2.53 6.51
N ALA A 550 15.13 2.36 5.30
CA ALA A 550 15.29 1.12 4.53
C ALA A 550 16.39 1.36 3.48
N HIS A 551 17.48 0.62 3.55
CA HIS A 551 18.63 0.96 2.70
C HIS A 551 19.19 -0.31 2.08
N VAL A 552 19.72 -0.12 0.88
CA VAL A 552 20.57 -1.08 0.15
C VAL A 552 22.01 -0.55 0.18
N TYR A 553 22.95 -1.26 0.79
CA TYR A 553 24.38 -0.91 0.73
C TYR A 553 24.84 -1.04 -0.72
N ASN A 554 25.50 0.00 -1.24
CA ASN A 554 26.11 0.04 -2.60
C ASN A 554 26.85 -1.26 -2.89
N ASN A 555 27.44 -1.92 -1.90
CA ASN A 555 28.25 -3.14 -2.18
C ASN A 555 27.32 -4.37 -2.38
N HIS A 556 25.99 -4.22 -2.21
CA HIS A 556 24.99 -5.32 -2.38
C HIS A 556 24.35 -5.25 -3.76
N ILE A 557 24.49 -4.13 -4.48
CA ILE A 557 23.62 -3.85 -5.65
C ILE A 557 23.72 -5.01 -6.64
N ASP A 558 24.93 -5.44 -7.01
CA ASP A 558 25.12 -6.43 -8.11
C ASP A 558 24.51 -7.77 -7.73
N SER A 559 24.63 -8.16 -6.48
CA SER A 559 24.12 -9.45 -5.99
C SER A 559 22.58 -9.36 -5.83
N LEU A 560 22.05 -8.23 -5.35
CA LEU A 560 20.59 -8.01 -5.25
C LEU A 560 19.96 -8.00 -6.66
N LYS A 561 20.69 -7.57 -7.68
CA LYS A 561 20.22 -7.55 -9.10
C LYS A 561 20.02 -8.99 -9.57
N ILE A 562 20.95 -9.87 -9.23
CA ILE A 562 20.89 -11.33 -9.54
C ILE A 562 19.63 -11.87 -8.86
N GLN A 563 19.52 -11.66 -7.56
CA GLN A 563 18.41 -12.16 -6.70
C GLN A 563 17.06 -11.73 -7.29
N LEU A 564 16.94 -10.51 -7.82
CA LEU A 564 15.62 -9.97 -8.24
C LEU A 564 15.14 -10.67 -9.50
N ASN A 565 16.05 -11.28 -10.28
CA ASN A 565 15.68 -12.00 -11.52
C ASN A 565 15.44 -13.49 -11.23
N ARG A 566 15.41 -13.89 -9.97
CA ARG A 566 15.01 -15.25 -9.56
C ARG A 566 13.51 -15.27 -9.21
N ILE A 567 12.82 -16.34 -9.63
CA ILE A 567 11.38 -16.49 -9.30
C ILE A 567 11.26 -17.29 -8.02
N PRO A 568 10.58 -16.70 -7.02
CA PRO A 568 10.40 -17.39 -5.75
C PRO A 568 9.76 -18.77 -5.92
N TYR A 569 10.10 -19.65 -4.98
CA TYR A 569 9.57 -21.01 -4.80
C TYR A 569 8.48 -20.92 -3.73
N PRO A 570 7.55 -21.89 -3.66
CA PRO A 570 6.59 -21.87 -2.56
C PRO A 570 7.39 -21.92 -1.25
N PHE A 571 6.89 -21.20 -0.26
CA PHE A 571 7.55 -21.05 1.04
C PHE A 571 7.56 -22.42 1.71
N PRO A 572 8.41 -22.56 2.74
CA PRO A 572 8.37 -23.71 3.63
C PRO A 572 7.35 -23.56 4.76
N THR A 573 7.33 -24.53 5.68
CA THR A 573 6.53 -24.52 6.91
C THR A 573 7.44 -24.64 8.15
N LEU A 574 7.00 -24.09 9.27
CA LEU A 574 7.75 -24.13 10.54
C LEU A 574 6.92 -24.98 11.49
N LYS A 575 7.51 -26.04 12.03
CA LYS A 575 6.84 -26.82 13.11
C LYS A 575 7.60 -26.60 14.41
N LEU A 576 6.83 -26.37 15.48
CA LEU A 576 7.29 -26.22 16.87
C LEU A 576 6.94 -27.50 17.60
N ASN A 577 7.81 -28.00 18.47
CA ASN A 577 7.39 -29.06 19.41
C ASN A 577 6.21 -28.52 20.21
N PRO A 578 5.00 -29.14 20.14
CA PRO A 578 3.82 -28.60 20.81
C PRO A 578 3.70 -28.88 22.31
N ASP A 579 4.65 -29.58 22.92
CA ASP A 579 4.65 -29.81 24.39
C ASP A 579 5.12 -28.53 25.12
N ILE A 580 5.83 -27.63 24.43
CA ILE A 580 6.42 -26.41 25.07
C ILE A 580 5.27 -25.47 25.44
N LYS A 581 5.11 -25.18 26.72
CA LYS A 581 3.95 -24.46 27.30
C LYS A 581 4.41 -23.11 27.84
N ASN A 582 5.73 -22.91 27.96
CA ASN A 582 6.37 -21.68 28.52
C ASN A 582 7.44 -21.15 27.57
N ILE A 583 7.47 -19.84 27.39
CA ILE A 583 8.38 -19.17 26.42
C ILE A 583 9.84 -19.51 26.76
N GLU A 584 10.17 -19.80 28.02
CA GLU A 584 11.59 -20.05 28.44
C GLU A 584 12.02 -21.49 28.11
N ASP A 585 11.10 -22.39 27.76
CA ASP A 585 11.34 -23.86 27.70
C ASP A 585 11.77 -24.32 26.30
N PHE A 586 11.88 -23.44 25.30
CA PHE A 586 12.27 -23.86 23.92
C PHE A 586 13.78 -24.10 23.87
N THR A 587 14.22 -25.09 23.10
CA THR A 587 15.62 -25.32 22.66
C THR A 587 15.61 -25.54 21.14
N ILE A 588 16.78 -25.62 20.55
CA ILE A 588 17.01 -25.52 19.08
C ILE A 588 16.32 -26.69 18.37
N SER A 589 16.23 -27.85 19.03
CA SER A 589 15.61 -29.07 18.44
C SER A 589 14.08 -29.05 18.58
N ASP A 590 13.50 -27.99 19.14
CA ASP A 590 12.01 -27.84 19.19
C ASP A 590 11.52 -27.16 17.89
N PHE A 591 12.41 -26.92 16.94
CA PHE A 591 12.13 -26.15 15.70
C PHE A 591 12.49 -26.94 14.45
N THR A 592 11.51 -27.14 13.58
CA THR A 592 11.75 -27.79 12.25
C THR A 592 11.20 -26.91 11.12
N ILE A 593 12.09 -26.55 10.21
CA ILE A 593 11.78 -26.01 8.87
C ILE A 593 11.62 -27.23 7.94
N GLN A 594 10.46 -27.36 7.27
CA GLN A 594 10.13 -28.40 6.26
C GLN A 594 10.00 -27.80 4.87
N ASN A 595 10.53 -28.49 3.88
CA ASN A 595 10.17 -28.24 2.47
C ASN A 595 10.71 -26.87 2.10
N TYR A 596 11.86 -26.49 2.68
CA TYR A 596 12.59 -25.32 2.19
C TYR A 596 13.20 -25.66 0.83
N VAL A 597 12.61 -25.08 -0.21
CA VAL A 597 13.11 -25.07 -1.60
C VAL A 597 13.66 -23.66 -1.88
N HIS A 598 14.89 -23.55 -2.36
CA HIS A 598 15.57 -22.23 -2.46
C HIS A 598 16.55 -22.20 -3.64
N HIS A 599 16.75 -21.01 -4.20
CA HIS A 599 17.85 -20.77 -5.16
C HIS A 599 19.17 -20.82 -4.39
N GLU A 600 20.27 -20.81 -5.15
CA GLU A 600 21.66 -20.90 -4.62
C GLU A 600 21.98 -19.73 -3.67
N LYS A 601 22.65 -20.03 -2.56
CA LYS A 601 23.33 -19.07 -1.65
C LYS A 601 23.94 -17.93 -2.47
N ILE A 602 23.77 -16.68 -2.03
CA ILE A 602 24.43 -15.47 -2.64
C ILE A 602 25.30 -14.85 -1.54
N SER A 603 26.58 -14.62 -1.85
CA SER A 603 27.45 -13.70 -1.08
C SER A 603 27.05 -12.27 -1.44
N MET A 604 26.52 -11.51 -0.47
CA MET A 604 26.10 -10.10 -0.69
C MET A 604 27.34 -9.25 -1.07
N ASP A 605 28.32 -9.19 -0.16
CA ASP A 605 29.71 -8.71 -0.40
C ASP A 605 30.38 -9.71 -1.37
N MET A 606 30.49 -9.35 -2.67
CA MET A 606 31.12 -10.22 -3.71
C MET A 606 32.64 -9.91 -3.84
N ALA A 607 33.24 -9.30 -2.81
CA ALA A 607 34.70 -8.98 -2.71
C ALA A 607 35.51 -10.28 -2.59
N ALA A 608 36.80 -10.24 -2.93
CA ALA A 608 37.75 -11.38 -2.86
C ALA A 608 39.18 -10.88 -2.61
N MET B 1 -32.22 5.93 -30.27
CA MET B 1 -31.17 5.91 -29.20
C MET B 1 -30.99 7.32 -28.64
N MET B 2 -31.51 7.58 -27.42
CA MET B 2 -31.47 8.88 -26.70
C MET B 2 -30.00 9.35 -26.56
N GLU B 3 -29.64 10.42 -27.27
CA GLU B 3 -28.28 11.05 -27.25
C GLU B 3 -28.41 12.58 -27.27
N GLN B 4 -27.73 13.26 -26.32
CA GLN B 4 -27.71 14.75 -26.19
C GLN B 4 -26.52 15.30 -26.98
N VAL B 5 -26.60 16.56 -27.37
CA VAL B 5 -25.63 17.21 -28.30
C VAL B 5 -24.26 17.37 -27.60
N CYS B 6 -24.26 17.60 -26.28
CA CYS B 6 -23.03 17.78 -25.44
C CYS B 6 -22.24 16.46 -25.38
N ASP B 7 -22.93 15.31 -25.39
CA ASP B 7 -22.34 13.95 -25.43
C ASP B 7 -21.93 13.60 -26.87
N VAL B 8 -22.80 13.86 -27.86
CA VAL B 8 -22.49 13.65 -29.31
C VAL B 8 -21.15 14.33 -29.62
N PHE B 9 -21.04 15.64 -29.36
CA PHE B 9 -19.91 16.47 -29.81
C PHE B 9 -18.83 16.65 -28.71
N ASP B 10 -18.99 15.99 -27.53
CA ASP B 10 -17.94 15.90 -26.47
C ASP B 10 -17.46 17.32 -26.14
N ILE B 11 -18.40 18.15 -25.70
CA ILE B 11 -18.17 19.58 -25.35
C ILE B 11 -17.97 19.65 -23.84
N TYR B 12 -16.74 20.01 -23.45
CA TYR B 12 -16.27 20.08 -22.05
C TYR B 12 -15.95 21.54 -21.74
N ALA B 13 -16.32 22.00 -20.54
CA ALA B 13 -15.75 23.23 -19.93
C ALA B 13 -14.48 22.88 -19.13
N ILE B 14 -13.50 23.77 -19.20
CA ILE B 14 -12.28 23.74 -18.38
C ILE B 14 -12.08 25.16 -17.87
N CYS B 15 -11.83 25.27 -16.57
CA CYS B 15 -11.74 26.56 -15.83
C CYS B 15 -10.84 26.38 -14.61
N ALA B 16 -10.46 27.52 -14.06
CA ALA B 16 -9.71 27.70 -12.82
C ALA B 16 -10.47 28.74 -12.03
N CYS B 17 -10.93 28.41 -10.83
CA CYS B 17 -11.62 29.37 -9.94
C CYS B 17 -10.91 29.52 -8.60
N CYS B 18 -10.69 30.76 -8.17
CA CYS B 18 -10.22 31.11 -6.81
C CYS B 18 -11.43 31.46 -5.92
N LYS B 19 -11.13 31.80 -4.68
CA LYS B 19 -12.10 32.35 -3.70
C LYS B 19 -12.09 33.87 -3.79
N VAL B 20 -13.15 34.53 -3.31
CA VAL B 20 -13.48 35.94 -3.68
C VAL B 20 -13.42 36.85 -2.44
N GLU B 21 -12.71 37.98 -2.55
CA GLU B 21 -12.62 38.98 -1.45
C GLU B 21 -14.03 39.48 -1.20
N SER B 22 -14.49 39.46 0.05
CA SER B 22 -15.79 40.05 0.48
C SER B 22 -15.52 41.43 1.10
N LYS B 23 -15.37 42.45 0.25
CA LYS B 23 -14.86 43.81 0.58
C LYS B 23 -15.72 44.43 1.69
N ASN B 24 -15.39 44.12 2.95
CA ASN B 24 -16.13 44.49 4.21
C ASN B 24 -17.55 43.92 4.16
N GLU B 25 -17.72 42.64 4.53
CA GLU B 25 -18.98 41.87 4.31
C GLU B 25 -19.15 40.81 5.42
N GLY B 26 -19.20 39.52 5.08
CA GLY B 26 -19.50 38.41 6.00
C GLY B 26 -18.30 38.01 6.83
N LYS B 27 -18.01 36.69 6.90
CA LYS B 27 -16.86 36.06 7.63
C LYS B 27 -17.15 36.04 9.14
N LYS B 28 -17.97 35.08 9.61
CA LYS B 28 -18.22 34.79 11.06
C LYS B 28 -17.68 33.40 11.39
N ASN B 29 -18.55 32.39 11.47
CA ASN B 29 -18.20 30.95 11.29
C ASN B 29 -18.52 30.62 9.83
N GLU B 30 -17.59 30.99 8.93
CA GLU B 30 -17.60 30.80 7.44
C GLU B 30 -18.23 29.46 7.04
N VAL B 31 -19.26 29.48 6.19
CA VAL B 31 -19.82 28.25 5.55
C VAL B 31 -19.20 28.08 4.17
N PHE B 32 -18.64 26.91 3.88
CA PHE B 32 -18.02 26.58 2.57
C PHE B 32 -18.94 25.63 1.80
N ASN B 33 -18.78 25.61 0.46
CA ASN B 33 -19.42 24.68 -0.51
C ASN B 33 -18.65 24.79 -1.83
N ASN B 34 -19.07 24.09 -2.88
CA ASN B 34 -18.35 24.11 -4.19
C ASN B 34 -18.31 25.55 -4.74
N TYR B 35 -19.39 26.32 -4.51
CA TYR B 35 -19.52 27.73 -4.94
C TYR B 35 -18.50 28.66 -4.24
N THR B 36 -17.84 28.22 -3.16
CA THR B 36 -16.65 28.91 -2.59
C THR B 36 -15.64 29.25 -3.70
N PHE B 37 -15.42 28.31 -4.62
CA PHE B 37 -14.47 28.48 -5.74
C PHE B 37 -15.26 28.98 -6.95
N ARG B 38 -15.21 30.28 -7.23
CA ARG B 38 -15.94 30.88 -8.39
C ARG B 38 -15.18 32.07 -9.01
N GLY B 39 -14.05 32.51 -8.46
CA GLY B 39 -13.30 33.64 -9.04
C GLY B 39 -12.65 33.27 -10.37
N LEU B 40 -13.06 33.91 -11.48
CA LEU B 40 -12.50 33.68 -12.84
C LEU B 40 -11.54 34.79 -13.30
N GLY B 41 -11.86 36.06 -13.06
CA GLY B 41 -11.16 37.20 -13.72
C GLY B 41 -11.23 38.50 -12.95
N ASN B 42 -10.24 39.37 -13.19
CA ASN B 42 -10.19 40.76 -12.65
C ASN B 42 -9.56 41.69 -13.67
N LYS B 43 -10.28 42.78 -14.05
CA LYS B 43 -9.79 43.82 -14.99
C LYS B 43 -9.26 43.13 -16.25
N GLY B 44 -10.05 42.21 -16.83
CA GLY B 44 -9.74 41.42 -18.03
C GLY B 44 -8.50 40.52 -17.95
N VAL B 45 -7.95 40.24 -16.75
CA VAL B 45 -6.84 39.24 -16.54
C VAL B 45 -7.24 38.24 -15.44
N LEU B 46 -6.35 37.31 -15.11
CA LEU B 46 -6.61 36.26 -14.09
C LEU B 46 -6.48 36.88 -12.71
N PRO B 47 -7.36 36.52 -11.74
CA PRO B 47 -7.30 37.11 -10.39
C PRO B 47 -5.94 36.90 -9.72
N TRP B 48 -5.29 35.77 -10.00
CA TRP B 48 -4.05 35.34 -9.30
C TRP B 48 -2.86 35.65 -10.20
N LYS B 49 -3.10 36.21 -11.39
CA LYS B 49 -2.02 36.66 -12.30
C LYS B 49 -1.39 35.42 -12.96
N CYS B 50 -0.51 34.71 -12.24
CA CYS B 50 0.29 33.55 -12.73
C CYS B 50 0.03 32.32 -11.83
N ASN B 51 -0.29 31.16 -12.41
CA ASN B 51 -0.19 29.84 -11.73
C ASN B 51 0.33 28.80 -12.72
N SER B 52 1.63 28.46 -12.65
CA SER B 52 2.35 27.63 -13.65
C SER B 52 1.80 26.20 -13.67
N LEU B 53 1.37 25.65 -12.53
CA LEU B 53 0.86 24.25 -12.51
C LEU B 53 -0.53 24.22 -13.17
N ASP B 54 -1.41 25.18 -12.86
CA ASP B 54 -2.75 25.24 -13.50
C ASP B 54 -2.58 25.38 -15.03
N MET B 55 -1.69 26.28 -15.48
CA MET B 55 -1.39 26.48 -16.92
C MET B 55 -0.79 25.21 -17.52
N LYS B 56 0.11 24.52 -16.82
CA LYS B 56 0.67 23.22 -17.29
C LYS B 56 -0.47 22.21 -17.49
N TYR B 57 -1.42 22.17 -16.56
CA TYR B 57 -2.60 21.27 -16.62
C TYR B 57 -3.48 21.67 -17.82
N PHE B 58 -3.80 22.95 -17.95
CA PHE B 58 -4.65 23.50 -19.04
C PHE B 58 -4.06 23.03 -20.39
N CYS B 59 -2.76 23.23 -20.58
CA CYS B 59 -2.02 22.88 -21.82
C CYS B 59 -2.14 21.36 -22.05
N ALA B 60 -1.84 20.52 -21.06
CA ALA B 60 -1.92 19.05 -21.20
C ALA B 60 -3.35 18.59 -21.56
N VAL B 61 -4.39 18.99 -20.81
CA VAL B 61 -5.80 18.55 -21.06
C VAL B 61 -6.24 18.99 -22.47
N THR B 62 -6.04 20.27 -22.82
CA THR B 62 -6.58 20.86 -24.07
C THR B 62 -5.77 20.39 -25.29
N THR B 63 -4.52 19.93 -25.10
CA THR B 63 -3.59 19.50 -26.19
C THR B 63 -3.71 17.98 -26.44
N TYR B 64 -4.24 17.19 -25.49
CA TYR B 64 -4.17 15.69 -25.52
C TYR B 64 -5.25 15.10 -26.45
N VAL B 65 -4.84 14.14 -27.27
CA VAL B 65 -5.74 13.33 -28.16
C VAL B 65 -5.27 11.87 -28.14
N ASN B 66 -6.24 10.95 -28.05
CA ASN B 66 -6.09 9.51 -28.39
C ASN B 66 -6.67 9.30 -29.81
N GLU B 67 -5.82 9.15 -30.83
CA GLU B 67 -6.25 8.96 -32.25
C GLU B 67 -7.01 7.62 -32.39
N SER B 68 -6.50 6.57 -31.75
CA SER B 68 -7.10 5.21 -31.66
C SER B 68 -8.58 5.29 -31.24
N LYS B 69 -8.93 6.24 -30.37
CA LYS B 69 -10.28 6.34 -29.74
C LYS B 69 -11.25 7.16 -30.60
N TYR B 70 -10.74 7.79 -31.66
CA TYR B 70 -11.51 8.72 -32.53
C TYR B 70 -12.53 7.95 -33.37
N GLU B 71 -12.12 6.86 -34.03
CA GLU B 71 -13.00 6.06 -34.94
C GLU B 71 -14.42 6.07 -34.36
N LYS B 72 -14.57 5.61 -33.11
CA LYS B 72 -15.85 5.43 -32.37
C LYS B 72 -16.60 6.76 -32.21
N LEU B 73 -15.85 7.87 -32.11
CA LEU B 73 -16.39 9.26 -31.90
C LEU B 73 -16.74 9.91 -33.24
N LYS B 74 -16.10 9.51 -34.35
CA LYS B 74 -16.50 9.90 -35.72
C LYS B 74 -17.80 9.16 -36.09
N TYR B 75 -17.83 7.85 -35.84
CA TYR B 75 -19.01 6.97 -36.04
C TYR B 75 -20.25 7.65 -35.41
N LYS B 76 -20.16 7.94 -34.11
CA LYS B 76 -21.26 8.46 -33.24
C LYS B 76 -21.79 9.82 -33.75
N ARG B 77 -20.89 10.73 -34.17
CA ARG B 77 -21.23 12.12 -34.58
C ARG B 77 -21.84 12.12 -35.99
N CYS B 78 -21.53 11.10 -36.81
CA CYS B 78 -22.07 10.91 -38.18
C CYS B 78 -23.50 10.35 -38.12
N LYS B 79 -23.69 9.20 -37.45
CA LYS B 79 -25.03 8.65 -37.10
C LYS B 79 -25.99 9.82 -36.83
N TYR B 80 -25.64 10.66 -35.86
CA TYR B 80 -26.46 11.81 -35.36
C TYR B 80 -26.77 12.82 -36.49
N LEU B 81 -25.76 13.21 -37.29
CA LEU B 81 -25.83 14.32 -38.28
C LEU B 81 -26.35 13.84 -39.65
N ASN B 82 -26.87 12.61 -39.77
CA ASN B 82 -27.49 12.05 -41.00
C ASN B 82 -26.46 11.99 -42.15
N LYS B 83 -25.16 11.91 -41.87
CA LYS B 83 -24.06 11.89 -42.88
C LYS B 83 -23.23 10.62 -42.62
N GLU B 84 -22.09 10.46 -43.30
CA GLU B 84 -21.07 9.41 -43.00
C GLU B 84 -19.67 9.84 -43.48
N THR B 85 -19.36 11.15 -43.51
CA THR B 85 -18.03 11.71 -43.94
C THR B 85 -17.41 12.54 -42.80
N LYS B 96 -5.04 16.64 -41.29
CA LYS B 96 -3.99 15.57 -41.34
C LYS B 96 -3.85 14.92 -39.95
N LYS B 97 -3.31 15.66 -38.95
CA LYS B 97 -3.06 15.16 -37.56
C LYS B 97 -4.15 15.68 -36.61
N LEU B 98 -4.66 14.80 -35.74
CA LEU B 98 -5.89 15.08 -34.93
C LEU B 98 -5.56 16.04 -33.79
N GLN B 99 -6.50 16.96 -33.51
CA GLN B 99 -6.37 18.09 -32.55
C GLN B 99 -7.73 18.38 -31.93
N ASN B 100 -7.74 18.91 -30.70
CA ASN B 100 -8.99 19.29 -30.00
C ASN B 100 -9.37 20.69 -30.47
N VAL B 101 -10.60 21.08 -30.16
CA VAL B 101 -11.10 22.47 -30.33
C VAL B 101 -10.99 23.20 -28.98
N VAL B 102 -10.68 24.49 -29.04
CA VAL B 102 -10.77 25.43 -27.90
C VAL B 102 -11.68 26.60 -28.31
N VAL B 103 -12.81 26.76 -27.64
CA VAL B 103 -13.81 27.86 -27.84
C VAL B 103 -13.64 28.91 -26.74
N MET B 104 -13.30 30.16 -27.10
CA MET B 104 -13.18 31.28 -26.12
C MET B 104 -13.98 32.51 -26.57
N GLY B 105 -14.41 33.32 -25.61
CA GLY B 105 -14.97 34.67 -25.83
C GLY B 105 -13.88 35.62 -26.25
N ARG B 106 -14.24 36.73 -26.91
CA ARG B 106 -13.28 37.68 -27.56
C ARG B 106 -12.36 38.28 -26.49
N THR B 107 -12.92 38.71 -25.34
CA THR B 107 -12.16 39.25 -24.18
C THR B 107 -11.08 38.22 -23.81
N SER B 108 -11.49 36.95 -23.62
CA SER B 108 -10.59 35.83 -23.29
C SER B 108 -9.49 35.72 -24.36
N TRP B 109 -9.87 35.76 -25.65
CA TRP B 109 -8.88 35.73 -26.77
C TRP B 109 -7.85 36.85 -26.59
N GLU B 110 -8.31 38.06 -26.27
CA GLU B 110 -7.45 39.27 -26.17
C GLU B 110 -6.62 39.18 -24.88
N SER B 111 -7.16 38.54 -23.82
CA SER B 111 -6.48 38.28 -22.52
C SER B 111 -5.19 37.47 -22.75
N ILE B 112 -5.16 36.59 -23.74
CA ILE B 112 -4.00 35.69 -24.05
C ILE B 112 -2.87 36.55 -24.60
N PRO B 113 -1.60 36.35 -24.16
CA PRO B 113 -0.44 37.06 -24.72
C PRO B 113 -0.12 36.61 -26.15
N LYS B 114 0.21 37.55 -27.05
CA LYS B 114 0.44 37.29 -28.50
C LYS B 114 1.49 36.21 -28.66
N LYS B 115 2.43 36.13 -27.72
CA LYS B 115 3.51 35.09 -27.67
C LYS B 115 2.87 33.71 -27.92
N PHE B 116 1.71 33.47 -27.30
CA PHE B 116 1.08 32.12 -27.13
C PHE B 116 -0.18 31.94 -27.99
N LYS B 117 -0.73 33.01 -28.60
CA LYS B 117 -1.92 32.91 -29.51
C LYS B 117 -1.45 32.91 -30.97
N PRO B 118 -1.96 32.03 -31.85
CA PRO B 118 -3.04 31.08 -31.50
C PRO B 118 -2.52 29.89 -30.68
N LEU B 119 -3.34 29.41 -29.74
CA LEU B 119 -3.00 28.30 -28.79
C LEU B 119 -2.48 27.10 -29.59
N SER B 120 -1.20 26.79 -29.41
CA SER B 120 -0.42 25.73 -30.09
C SER B 120 -1.21 24.41 -30.20
N ASN B 121 -1.25 23.82 -31.40
CA ASN B 121 -1.75 22.45 -31.72
C ASN B 121 -3.25 22.32 -31.40
N ARG B 122 -4.00 23.42 -31.38
CA ARG B 122 -5.47 23.37 -31.12
C ARG B 122 -6.22 24.14 -32.20
N ILE B 123 -7.39 23.63 -32.58
CA ILE B 123 -8.34 24.40 -33.42
C ILE B 123 -8.89 25.52 -32.55
N ASN B 124 -8.39 26.74 -32.74
CA ASN B 124 -8.85 27.94 -31.99
C ASN B 124 -10.17 28.41 -32.58
N VAL B 125 -11.18 28.65 -31.74
CA VAL B 125 -12.52 29.19 -32.12
C VAL B 125 -12.81 30.39 -31.22
N ILE B 126 -13.40 31.46 -31.76
CA ILE B 126 -13.74 32.70 -30.98
C ILE B 126 -15.19 33.12 -31.27
N LEU B 127 -16.05 33.05 -30.25
CA LEU B 127 -17.39 33.70 -30.20
C LEU B 127 -17.21 35.24 -30.22
N SER B 128 -17.89 35.94 -31.14
CA SER B 128 -17.77 37.41 -31.35
C SER B 128 -18.92 37.94 -32.22
N ARG B 129 -19.75 38.81 -31.64
CA ARG B 129 -20.77 39.60 -32.37
C ARG B 129 -20.07 40.72 -33.14
N THR B 130 -19.04 41.33 -32.55
CA THR B 130 -18.34 42.53 -33.10
C THR B 130 -17.53 42.14 -34.34
N LEU B 131 -16.67 41.12 -34.24
CA LEU B 131 -15.58 40.88 -35.23
C LEU B 131 -15.94 39.68 -36.13
N LYS B 132 -15.17 39.54 -37.21
CA LYS B 132 -15.35 38.55 -38.31
C LYS B 132 -13.95 38.20 -38.84
N LYS B 133 -13.85 37.12 -39.62
CA LYS B 133 -12.56 36.48 -40.04
C LYS B 133 -11.51 37.52 -40.46
N GLU B 134 -11.94 38.68 -41.00
CA GLU B 134 -11.06 39.68 -41.66
C GLU B 134 -10.28 40.51 -40.62
N ASP B 135 -10.62 40.39 -39.33
CA ASP B 135 -9.91 41.07 -38.22
C ASP B 135 -8.80 40.15 -37.65
N PHE B 136 -8.63 38.94 -38.20
CA PHE B 136 -7.76 37.87 -37.63
C PHE B 136 -7.00 37.13 -38.75
N ASP B 137 -7.48 35.96 -39.20
CA ASP B 137 -6.79 35.06 -40.17
C ASP B 137 -7.67 33.82 -40.50
N GLU B 138 -7.09 32.80 -41.16
CA GLU B 138 -7.78 31.53 -41.56
C GLU B 138 -7.25 30.31 -40.78
N ASP B 139 -6.18 30.47 -39.99
CA ASP B 139 -5.72 29.41 -39.04
C ASP B 139 -6.76 29.31 -37.90
N VAL B 140 -7.20 30.45 -37.33
CA VAL B 140 -8.34 30.56 -36.35
C VAL B 140 -9.67 30.65 -37.12
N TYR B 141 -10.77 30.35 -36.44
CA TYR B 141 -12.17 30.47 -36.93
C TYR B 141 -12.92 31.45 -36.02
N ILE B 142 -13.82 32.26 -36.60
CA ILE B 142 -14.77 33.10 -35.83
C ILE B 142 -16.16 32.47 -35.93
N ILE B 143 -17.02 32.73 -34.94
CA ILE B 143 -18.46 32.39 -34.93
C ILE B 143 -19.23 33.52 -34.22
N ASN B 144 -20.51 33.64 -34.56
CA ASN B 144 -21.38 34.84 -34.43
C ASN B 144 -22.39 34.60 -33.30
N LYS B 145 -22.75 33.33 -33.07
CA LYS B 145 -23.65 32.84 -31.99
C LYS B 145 -23.20 31.42 -31.58
N VAL B 146 -23.86 30.79 -30.60
CA VAL B 146 -23.43 29.47 -30.01
C VAL B 146 -23.81 28.35 -31.00
N GLU B 147 -24.95 28.47 -31.67
CA GLU B 147 -25.45 27.46 -32.66
C GLU B 147 -24.38 27.27 -33.75
N ASP B 148 -23.72 28.36 -34.19
CA ASP B 148 -22.65 28.36 -35.25
C ASP B 148 -21.47 27.44 -34.90
N LEU B 149 -21.29 27.04 -33.64
CA LEU B 149 -20.23 26.09 -33.21
C LEU B 149 -20.70 24.63 -33.41
N ILE B 150 -21.96 24.31 -33.08
CA ILE B 150 -22.56 22.95 -33.29
C ILE B 150 -22.39 22.60 -34.77
N VAL B 151 -22.73 23.54 -35.65
CA VAL B 151 -22.44 23.51 -37.13
C VAL B 151 -20.96 23.11 -37.30
N LEU B 152 -20.03 24.04 -37.04
CA LEU B 152 -18.57 23.94 -37.36
C LEU B 152 -17.94 22.66 -36.76
N LEU B 153 -18.46 22.17 -35.63
CA LEU B 153 -18.00 20.88 -35.04
C LEU B 153 -18.39 19.73 -35.98
N GLY B 154 -19.66 19.71 -36.41
CA GLY B 154 -20.22 18.78 -37.42
C GLY B 154 -19.36 18.65 -38.67
N LYS B 155 -18.63 19.71 -39.05
CA LYS B 155 -17.81 19.80 -40.30
C LYS B 155 -16.35 19.32 -40.09
N LEU B 156 -15.85 19.26 -38.85
CA LEU B 156 -14.37 19.22 -38.59
C LEU B 156 -13.94 17.82 -38.10
N ASN B 157 -12.66 17.49 -38.36
CA ASN B 157 -11.92 16.41 -37.66
C ASN B 157 -11.28 16.95 -36.37
N TYR B 158 -11.99 16.82 -35.24
CA TYR B 158 -11.56 17.22 -33.87
C TYR B 158 -11.83 16.08 -32.88
N TYR B 159 -10.90 15.86 -31.93
CA TYR B 159 -11.03 14.83 -30.87
C TYR B 159 -12.11 15.24 -29.85
N LYS B 160 -11.82 16.24 -29.00
CA LYS B 160 -12.77 16.79 -28.00
C LYS B 160 -12.88 18.31 -28.20
N CYS B 161 -13.97 18.92 -27.73
CA CYS B 161 -14.20 20.39 -27.82
C CYS B 161 -14.23 21.04 -26.41
N PHE B 162 -13.29 21.96 -26.16
CA PHE B 162 -13.03 22.55 -24.83
C PHE B 162 -13.48 24.01 -24.79
N ILE B 163 -14.46 24.30 -23.93
CA ILE B 163 -14.92 25.69 -23.60
C ILE B 163 -13.99 26.28 -22.52
N ILE B 164 -13.15 27.25 -22.90
CA ILE B 164 -12.03 27.80 -22.07
C ILE B 164 -12.38 29.19 -21.55
N GLY B 165 -13.68 29.51 -21.49
CA GLY B 165 -14.24 30.76 -20.92
C GLY B 165 -14.40 31.84 -21.98
N GLY B 166 -14.68 33.08 -21.54
CA GLY B 166 -14.67 33.51 -20.15
C GLY B 166 -16.01 33.31 -19.46
N SER B 167 -16.31 34.16 -18.46
CA SER B 167 -17.48 34.10 -17.56
C SER B 167 -18.77 34.08 -18.37
N VAL B 168 -18.84 34.94 -19.39
CA VAL B 168 -20.07 35.11 -20.24
C VAL B 168 -20.23 33.84 -21.09
N VAL B 169 -19.17 33.40 -21.78
CA VAL B 169 -19.17 32.12 -22.56
C VAL B 169 -19.67 30.99 -21.66
N TYR B 170 -19.06 30.75 -20.49
CA TYR B 170 -19.45 29.60 -19.60
C TYR B 170 -20.92 29.74 -19.20
N GLN B 171 -21.32 30.98 -18.89
CA GLN B 171 -22.68 31.33 -18.40
C GLN B 171 -23.71 30.79 -19.40
N GLU B 172 -23.60 31.16 -20.68
CA GLU B 172 -24.61 30.77 -21.71
C GLU B 172 -24.44 29.27 -22.06
N PHE B 173 -23.22 28.77 -22.18
CA PHE B 173 -22.94 27.34 -22.50
C PHE B 173 -23.56 26.41 -21.42
N LEU B 174 -23.53 26.83 -20.16
CA LEU B 174 -24.16 26.06 -19.04
C LEU B 174 -25.68 26.23 -19.08
N GLU B 175 -26.13 27.48 -19.17
CA GLU B 175 -27.56 27.88 -19.27
C GLU B 175 -28.30 26.98 -20.27
N LYS B 176 -27.68 26.71 -21.43
CA LYS B 176 -28.29 26.00 -22.59
C LYS B 176 -28.05 24.49 -22.48
N LYS B 177 -27.14 24.04 -21.63
CA LYS B 177 -26.92 22.61 -21.26
C LYS B 177 -26.13 21.90 -22.37
N LEU B 178 -25.08 22.54 -22.87
CA LEU B 178 -24.18 22.04 -23.94
C LEU B 178 -22.87 21.47 -23.35
N ILE B 179 -22.77 21.32 -22.02
CA ILE B 179 -21.53 20.92 -21.29
C ILE B 179 -21.71 19.51 -20.72
N LYS B 180 -20.89 18.56 -21.17
CA LYS B 180 -20.88 17.14 -20.72
C LYS B 180 -20.11 17.03 -19.38
N LYS B 181 -18.93 17.65 -19.30
CA LYS B 181 -18.03 17.55 -18.13
C LYS B 181 -17.34 18.89 -17.88
N ILE B 182 -17.09 19.20 -16.60
CA ILE B 182 -16.37 20.42 -16.14
C ILE B 182 -15.06 19.96 -15.47
N TYR B 183 -13.94 20.35 -16.06
CA TYR B 183 -12.54 20.23 -15.56
C TYR B 183 -12.21 21.55 -14.85
N PHE B 184 -12.34 21.51 -13.53
CA PHE B 184 -12.43 22.66 -12.62
C PHE B 184 -11.18 22.68 -11.74
N THR B 185 -10.29 23.66 -11.88
CA THR B 185 -9.14 23.81 -10.95
C THR B 185 -9.65 24.58 -9.74
N ARG B 186 -9.46 24.05 -8.52
CA ARG B 186 -9.71 24.81 -7.26
C ARG B 186 -8.42 25.45 -6.77
N ILE B 187 -8.35 26.77 -6.90
CA ILE B 187 -7.22 27.60 -6.44
C ILE B 187 -7.56 28.08 -5.04
N ASN B 188 -6.86 27.54 -4.04
CA ASN B 188 -7.25 27.66 -2.63
C ASN B 188 -6.55 28.88 -2.02
N SER B 189 -6.81 30.04 -2.61
CA SER B 189 -6.48 31.37 -2.07
C SER B 189 -7.50 32.41 -2.56
N THR B 190 -7.48 33.59 -1.93
CA THR B 190 -8.46 34.67 -2.14
C THR B 190 -7.81 35.78 -2.95
N TYR B 191 -8.50 36.23 -4.00
CA TYR B 191 -8.04 37.36 -4.86
C TYR B 191 -9.22 38.28 -5.15
N GLU B 192 -8.88 39.45 -5.66
CA GLU B 192 -9.86 40.43 -6.16
C GLU B 192 -10.39 39.91 -7.50
N CYS B 193 -11.71 39.81 -7.60
CA CYS B 193 -12.46 39.26 -8.78
C CYS B 193 -13.59 40.23 -9.20
N ASP B 194 -13.83 40.38 -10.51
CA ASP B 194 -14.95 41.20 -11.04
C ASP B 194 -15.82 40.34 -11.97
N VAL B 195 -15.44 39.08 -12.21
CA VAL B 195 -16.25 38.10 -12.99
C VAL B 195 -16.10 36.70 -12.36
N PHE B 196 -17.15 35.89 -12.49
CA PHE B 196 -17.34 34.61 -11.78
C PHE B 196 -17.84 33.53 -12.75
N PHE B 197 -17.45 32.27 -12.48
CA PHE B 197 -18.11 31.05 -12.96
C PHE B 197 -19.50 30.97 -12.35
N PRO B 198 -20.50 30.35 -13.03
CA PRO B 198 -21.85 30.23 -12.48
C PRO B 198 -21.96 29.16 -11.40
N GLU B 199 -22.87 29.35 -10.45
CA GLU B 199 -23.23 28.29 -9.47
C GLU B 199 -23.51 27.02 -10.27
N ILE B 200 -22.85 25.92 -9.92
CA ILE B 200 -23.13 24.56 -10.46
C ILE B 200 -24.17 23.88 -9.56
N ASN B 201 -25.32 23.48 -10.12
CA ASN B 201 -26.41 22.77 -9.42
C ASN B 201 -25.97 21.33 -9.08
N GLU B 202 -26.14 20.91 -7.82
CA GLU B 202 -25.85 19.55 -7.31
C GLU B 202 -26.51 18.50 -8.21
N ASN B 203 -27.84 18.55 -8.35
CA ASN B 203 -28.65 17.46 -8.98
C ASN B 203 -28.54 17.53 -10.51
N GLU B 204 -27.72 18.43 -11.06
CA GLU B 204 -27.48 18.54 -12.52
C GLU B 204 -26.06 18.09 -12.89
N TYR B 205 -25.06 18.44 -12.06
CA TYR B 205 -23.64 18.03 -12.18
C TYR B 205 -23.19 17.35 -10.88
N GLN B 206 -22.47 16.24 -10.97
CA GLN B 206 -21.84 15.53 -9.82
C GLN B 206 -20.32 15.43 -10.07
N ILE B 207 -19.55 15.54 -8.98
CA ILE B 207 -18.07 15.34 -8.97
C ILE B 207 -17.84 13.83 -9.10
N ILE B 208 -16.91 13.44 -9.97
CA ILE B 208 -16.57 12.00 -10.20
C ILE B 208 -15.08 11.74 -9.94
N SER B 209 -14.25 12.79 -9.81
CA SER B 209 -12.79 12.63 -9.62
C SER B 209 -12.19 13.89 -8.98
N VAL B 210 -11.19 13.64 -8.15
CA VAL B 210 -10.53 14.56 -7.20
C VAL B 210 -9.07 14.20 -7.30
N SER B 211 -8.17 15.12 -7.66
CA SER B 211 -6.73 14.81 -7.83
C SER B 211 -6.00 14.90 -6.47
N ASP B 212 -4.68 14.68 -6.51
CA ASP B 212 -3.72 15.05 -5.46
C ASP B 212 -3.75 16.58 -5.26
N VAL B 213 -3.32 17.06 -4.09
CA VAL B 213 -3.24 18.51 -3.79
C VAL B 213 -1.79 18.93 -4.06
N TYR B 214 -1.62 20.15 -4.52
CA TYR B 214 -0.30 20.64 -4.97
C TYR B 214 -0.15 22.04 -4.44
N THR B 215 1.10 22.50 -4.40
CA THR B 215 1.51 23.90 -4.22
C THR B 215 2.15 24.42 -5.52
N SER B 216 1.76 25.62 -5.95
CA SER B 216 2.30 26.37 -7.11
C SER B 216 2.01 27.83 -6.87
N ASN B 217 3.05 28.67 -6.95
CA ASN B 217 2.90 30.14 -6.85
C ASN B 217 2.29 30.51 -5.48
N ASN B 218 2.77 29.87 -4.40
CA ASN B 218 2.43 30.16 -2.99
C ASN B 218 0.93 29.95 -2.73
N THR B 219 0.29 29.00 -3.39
CA THR B 219 -1.08 28.56 -3.02
C THR B 219 -1.20 27.04 -3.24
N THR B 220 -2.01 26.37 -2.44
CA THR B 220 -2.47 25.01 -2.77
C THR B 220 -3.55 25.14 -3.84
N LEU B 221 -3.61 24.13 -4.72
CA LEU B 221 -4.68 23.89 -5.71
C LEU B 221 -4.87 22.38 -5.82
N ASP B 222 -6.08 21.99 -6.23
CA ASP B 222 -6.36 20.62 -6.74
C ASP B 222 -7.24 20.76 -7.99
N PHE B 223 -7.47 19.63 -8.65
CA PHE B 223 -8.17 19.52 -9.95
C PHE B 223 -9.31 18.52 -9.77
N ILE B 224 -10.54 18.95 -9.99
CA ILE B 224 -11.73 18.06 -9.85
C ILE B 224 -12.44 17.99 -11.19
N ILE B 225 -13.15 16.88 -11.40
CA ILE B 225 -13.94 16.64 -12.64
C ILE B 225 -15.41 16.45 -12.29
N TYR B 226 -16.26 17.34 -12.81
CA TYR B 226 -17.73 17.18 -12.76
C TYR B 226 -18.23 16.41 -13.99
N LYS B 227 -19.16 15.48 -13.79
CA LYS B 227 -19.92 14.82 -14.88
C LYS B 227 -21.37 15.28 -14.81
N LYS B 228 -22.02 15.50 -15.96
CA LYS B 228 -23.49 15.68 -16.07
C LYS B 228 -24.18 14.41 -15.54
N THR B 229 -25.19 14.57 -14.69
CA THR B 229 -26.06 13.45 -14.22
C THR B 229 -27.09 13.14 -15.33
N ASN B 230 -27.47 11.86 -15.46
CA ASN B 230 -28.42 11.35 -16.49
C ASN B 230 -29.84 11.90 -16.25
N ASN B 231 -30.79 11.54 -17.13
CA ASN B 231 -32.23 11.90 -17.05
C ASN B 231 -32.38 13.43 -17.16
N ASP B 284 -6.44 -8.96 -23.59
CA ASP B 284 -7.81 -9.47 -23.76
C ASP B 284 -8.04 -10.76 -22.96
N GLU B 285 -6.99 -11.55 -22.70
CA GLU B 285 -7.07 -12.92 -22.11
C GLU B 285 -6.35 -12.98 -20.75
N GLU B 286 -5.16 -12.38 -20.61
CA GLU B 286 -4.41 -12.22 -19.33
C GLU B 286 -5.36 -11.74 -18.21
N GLU B 287 -6.50 -11.18 -18.62
CA GLU B 287 -7.60 -10.69 -17.74
C GLU B 287 -8.29 -11.88 -17.04
N ASP B 288 -8.41 -13.04 -17.70
CA ASP B 288 -8.90 -14.30 -17.07
C ASP B 288 -7.89 -14.77 -16.02
N ASP B 289 -6.58 -14.74 -16.31
CA ASP B 289 -5.55 -15.19 -15.33
C ASP B 289 -5.77 -14.46 -13.99
N PHE B 290 -6.17 -13.19 -14.08
CA PHE B 290 -6.54 -12.33 -12.92
C PHE B 290 -7.67 -13.01 -12.17
N VAL B 291 -8.75 -13.43 -12.85
CA VAL B 291 -9.91 -14.11 -12.18
C VAL B 291 -9.42 -15.37 -11.46
N TYR B 292 -8.48 -16.10 -12.04
CA TYR B 292 -8.06 -17.44 -11.53
C TYR B 292 -7.34 -17.23 -10.18
N PHE B 293 -6.48 -16.18 -10.13
CA PHE B 293 -5.70 -15.79 -8.93
C PHE B 293 -6.66 -15.30 -7.83
N ASN B 294 -7.87 -14.87 -8.17
CA ASN B 294 -8.85 -14.48 -7.11
C ASN B 294 -9.75 -15.64 -6.72
N PHE B 295 -9.39 -16.89 -7.02
CA PHE B 295 -10.32 -18.04 -6.88
C PHE B 295 -10.68 -18.33 -5.41
N ASN B 296 -9.87 -17.93 -4.44
CA ASN B 296 -10.07 -18.27 -3.01
C ASN B 296 -10.74 -17.12 -2.23
N LYS B 297 -11.25 -16.10 -2.91
CA LYS B 297 -11.86 -14.89 -2.29
C LYS B 297 -13.26 -15.22 -1.73
N GLU B 298 -13.86 -14.24 -1.02
CA GLU B 298 -15.14 -14.40 -0.30
C GLU B 298 -16.31 -14.08 -1.25
N LYS B 299 -17.51 -14.52 -0.89
CA LYS B 299 -18.79 -14.07 -1.52
C LYS B 299 -19.00 -12.57 -1.24
N GLU B 300 -18.61 -12.10 -0.05
CA GLU B 300 -18.78 -10.68 0.43
C GLU B 300 -17.65 -10.28 1.39
N GLU B 301 -17.61 -8.99 1.76
CA GLU B 301 -16.75 -8.44 2.85
C GLU B 301 -17.53 -8.54 4.17
N LYS B 302 -16.84 -8.84 5.29
CA LYS B 302 -17.40 -9.45 6.55
C LYS B 302 -18.65 -8.72 7.08
N ASN B 303 -18.55 -7.40 7.32
CA ASN B 303 -19.63 -6.59 7.97
C ASN B 303 -20.39 -5.84 6.86
N LYS B 304 -20.51 -6.43 5.65
CA LYS B 304 -21.17 -5.82 4.47
C LYS B 304 -22.67 -5.66 4.75
N ASN B 305 -23.34 -6.77 5.08
CA ASN B 305 -24.75 -6.82 5.56
C ASN B 305 -24.97 -5.71 6.61
N SER B 306 -23.97 -5.55 7.51
CA SER B 306 -23.99 -4.66 8.71
C SER B 306 -23.80 -3.18 8.32
N ILE B 307 -22.85 -2.87 7.43
CA ILE B 307 -22.47 -1.46 7.08
C ILE B 307 -23.27 -0.99 5.85
N HIS B 308 -23.57 -1.88 4.89
CA HIS B 308 -24.41 -1.60 3.69
C HIS B 308 -23.70 -0.59 2.76
N PRO B 309 -22.90 -1.03 1.77
CA PRO B 309 -22.19 -0.09 0.91
C PRO B 309 -23.06 0.85 0.04
N ASN B 310 -24.38 0.68 -0.04
CA ASN B 310 -25.30 1.66 -0.71
C ASN B 310 -25.32 3.01 0.04
N ASP B 311 -25.02 2.99 1.35
CA ASP B 311 -24.86 4.18 2.22
C ASP B 311 -23.59 4.98 1.87
N PHE B 312 -22.77 4.48 0.94
CA PHE B 312 -21.49 5.12 0.50
C PHE B 312 -21.58 5.57 -0.96
N GLN B 313 -22.76 5.99 -1.43
CA GLN B 313 -23.00 6.15 -2.89
C GLN B 313 -21.99 7.15 -3.46
N ILE B 314 -21.81 8.27 -2.77
CA ILE B 314 -20.88 9.34 -3.25
C ILE B 314 -19.45 8.78 -3.19
N TYR B 315 -19.04 8.15 -2.08
CA TYR B 315 -17.68 7.55 -1.93
C TYR B 315 -17.43 6.58 -3.08
N ASN B 316 -18.39 5.69 -3.31
CA ASN B 316 -18.27 4.58 -4.32
C ASN B 316 -18.43 5.09 -5.76
N SER B 317 -19.13 6.21 -5.97
CA SER B 317 -19.40 6.80 -7.31
C SER B 317 -18.13 7.41 -7.90
N LEU B 318 -17.11 7.71 -7.08
CA LEU B 318 -15.89 8.40 -7.57
C LEU B 318 -15.01 7.36 -8.27
N LYS B 319 -14.35 7.73 -9.36
CA LYS B 319 -13.45 6.82 -10.09
C LYS B 319 -12.03 7.02 -9.59
N TYR B 320 -11.54 8.27 -9.60
CA TYR B 320 -10.18 8.66 -9.15
C TYR B 320 -10.30 9.45 -7.85
N LYS B 321 -9.79 8.88 -6.75
CA LYS B 321 -9.80 9.49 -5.40
C LYS B 321 -8.33 9.68 -4.99
N TYR B 322 -7.65 10.66 -5.60
CA TYR B 322 -6.18 10.84 -5.45
C TYR B 322 -5.88 11.88 -4.36
N HIS B 323 -6.88 12.60 -3.89
CA HIS B 323 -6.74 13.62 -2.82
C HIS B 323 -6.21 12.89 -1.58
N PRO B 324 -5.11 13.36 -0.95
CA PRO B 324 -4.47 12.58 0.11
C PRO B 324 -5.39 12.36 1.33
N GLU B 325 -6.44 13.16 1.49
CA GLU B 325 -7.46 12.93 2.55
C GLU B 325 -8.02 11.52 2.37
N TYR B 326 -7.98 10.93 1.17
CA TYR B 326 -8.53 9.56 0.95
C TYR B 326 -7.67 8.53 1.66
N GLN B 327 -6.42 8.83 2.00
CA GLN B 327 -5.62 7.88 2.80
C GLN B 327 -6.33 7.61 4.12
N TYR B 328 -6.87 8.65 4.74
CA TYR B 328 -7.59 8.56 6.03
C TYR B 328 -8.96 7.90 5.76
N LEU B 329 -9.73 8.41 4.79
CA LEU B 329 -11.12 7.93 4.51
C LEU B 329 -11.11 6.47 4.06
N ASN B 330 -10.13 6.05 3.26
CA ASN B 330 -10.02 4.65 2.77
C ASN B 330 -9.76 3.69 3.94
N ILE B 331 -9.03 4.14 4.95
CA ILE B 331 -8.77 3.28 6.16
C ILE B 331 -10.07 3.13 6.93
N ILE B 332 -10.85 4.20 7.11
CA ILE B 332 -12.19 4.12 7.75
C ILE B 332 -13.07 3.15 6.97
N TYR B 333 -13.09 3.27 5.64
CA TYR B 333 -13.89 2.37 4.78
C TYR B 333 -13.36 0.96 5.00
N ASP B 334 -12.04 0.75 5.01
CA ASP B 334 -11.46 -0.60 5.14
C ASP B 334 -11.91 -1.21 6.46
N ILE B 335 -11.81 -0.46 7.57
CA ILE B 335 -12.17 -0.99 8.91
C ILE B 335 -13.68 -1.27 8.97
N MET B 336 -14.53 -0.40 8.45
CA MET B 336 -15.99 -0.63 8.45
C MET B 336 -16.36 -1.92 7.71
N MET B 337 -15.77 -2.14 6.54
CA MET B 337 -16.12 -3.29 5.67
C MET B 337 -15.49 -4.58 6.19
N ASN B 338 -14.28 -4.53 6.71
CA ASN B 338 -13.43 -5.74 6.94
C ASN B 338 -12.93 -5.83 8.38
N GLY B 339 -13.29 -4.85 9.22
CA GLY B 339 -12.87 -4.79 10.63
C GLY B 339 -13.39 -5.96 11.45
N ASN B 340 -12.63 -6.34 12.47
CA ASN B 340 -12.99 -7.40 13.44
C ASN B 340 -13.78 -6.75 14.56
N LYS B 341 -14.97 -7.26 14.87
CA LYS B 341 -15.78 -6.80 16.04
C LYS B 341 -15.05 -7.24 17.31
N GLN B 342 -14.74 -6.30 18.21
CA GLN B 342 -14.11 -6.56 19.54
C GLN B 342 -14.75 -5.66 20.58
N SER B 343 -14.64 -6.04 21.86
CA SER B 343 -14.86 -5.16 23.05
C SER B 343 -13.49 -4.63 23.49
N ASP B 344 -13.43 -3.56 24.30
CA ASP B 344 -12.15 -2.88 24.66
C ASP B 344 -12.08 -2.69 26.18
N ARG B 345 -11.18 -1.81 26.66
CA ARG B 345 -10.99 -1.45 28.11
C ARG B 345 -12.36 -1.26 28.79
N THR B 346 -13.40 -0.86 28.03
CA THR B 346 -14.83 -0.77 28.47
C THR B 346 -15.67 -1.85 27.79
N GLY B 347 -17.01 -1.71 27.88
CA GLY B 347 -17.99 -2.48 27.09
C GLY B 347 -18.29 -1.82 25.73
N VAL B 348 -17.62 -0.70 25.39
CA VAL B 348 -17.89 0.05 24.12
C VAL B 348 -17.44 -0.83 22.95
N GLY B 349 -18.22 -0.86 21.87
CA GLY B 349 -17.84 -1.63 20.67
C GLY B 349 -16.76 -0.93 19.87
N VAL B 350 -15.86 -1.70 19.23
CA VAL B 350 -15.00 -1.23 18.10
C VAL B 350 -15.02 -2.22 16.95
N LEU B 351 -14.75 -1.72 15.75
CA LEU B 351 -14.20 -2.50 14.62
C LEU B 351 -12.71 -2.15 14.55
N SER B 352 -11.84 -3.15 14.48
CA SER B 352 -10.38 -2.99 14.64
C SER B 352 -9.70 -3.72 13.48
N LYS B 353 -8.57 -3.19 12.99
CA LYS B 353 -7.59 -3.89 12.11
C LYS B 353 -6.19 -3.51 12.57
N PHE B 354 -5.17 -4.19 12.10
CA PHE B 354 -3.81 -4.10 12.65
C PHE B 354 -2.84 -3.74 11.51
N GLY B 355 -2.27 -2.55 11.55
CA GLY B 355 -1.08 -2.22 10.72
C GLY B 355 -1.49 -1.49 9.44
N TYR B 356 -1.34 -0.16 9.41
CA TYR B 356 -1.61 0.72 8.23
C TYR B 356 -0.49 1.74 8.14
N ILE B 357 -0.22 2.30 6.95
CA ILE B 357 0.68 3.48 6.79
C ILE B 357 -0.06 4.54 5.99
N MET B 358 -0.04 5.77 6.45
CA MET B 358 -0.40 6.97 5.64
C MET B 358 0.85 7.83 5.41
N LYS B 359 0.92 8.55 4.32
CA LYS B 359 2.05 9.47 4.02
C LYS B 359 1.48 10.78 3.49
N PHE B 360 1.86 11.90 4.09
CA PHE B 360 1.41 13.24 3.66
C PHE B 360 2.62 14.07 3.28
N ASP B 361 2.52 14.71 2.12
CA ASP B 361 3.60 15.53 1.53
C ASP B 361 3.43 16.94 2.06
N LEU B 362 4.12 17.20 3.17
CA LEU B 362 4.11 18.51 3.85
C LEU B 362 4.70 19.60 2.96
N SER B 363 5.44 19.26 1.89
CA SER B 363 5.99 20.25 0.93
C SER B 363 4.89 20.80 0.02
N GLN B 364 3.77 20.09 -0.09
CA GLN B 364 2.70 20.44 -1.06
C GLN B 364 1.44 20.90 -0.33
N TYR B 365 1.27 20.55 0.95
CA TYR B 365 0.04 20.94 1.71
C TYR B 365 0.21 20.65 3.20
N PHE B 366 -0.69 21.22 4.00
CA PHE B 366 -0.83 20.87 5.42
C PHE B 366 -2.07 19.99 5.53
N PRO B 367 -1.91 18.72 5.94
CA PRO B 367 -3.02 17.76 5.87
C PRO B 367 -4.05 17.88 7.00
N LEU B 368 -4.68 19.02 7.13
CA LEU B 368 -5.81 19.19 8.09
C LEU B 368 -7.09 18.71 7.41
N LEU B 369 -7.70 17.67 7.93
CA LEU B 369 -8.93 17.10 7.35
C LEU B 369 -9.90 18.22 7.04
N THR B 370 -10.63 17.98 5.98
CA THR B 370 -11.47 18.92 5.23
C THR B 370 -12.90 18.41 5.25
N THR B 371 -13.10 17.10 5.47
CA THR B 371 -14.44 16.44 5.40
C THR B 371 -15.22 16.69 6.69
N LYS B 372 -14.62 17.44 7.59
CA LYS B 372 -15.19 17.94 8.86
C LYS B 372 -14.27 19.03 9.37
N LYS B 373 -14.77 19.79 10.36
CA LYS B 373 -14.10 20.97 10.92
C LYS B 373 -13.18 20.52 12.06
N LEU B 374 -11.92 20.92 12.00
CA LEU B 374 -10.92 20.69 13.07
C LEU B 374 -10.37 22.02 13.59
N PHE B 375 -10.13 22.05 14.89
CA PHE B 375 -9.56 23.18 15.66
C PHE B 375 -8.18 22.75 16.14
N LEU B 376 -7.19 23.64 16.09
CA LEU B 376 -5.79 23.29 16.43
C LEU B 376 -5.23 24.01 17.67
N ARG B 377 -5.94 24.97 18.30
CA ARG B 377 -5.31 25.77 19.39
C ARG B 377 -4.88 24.78 20.49
N GLY B 378 -5.79 23.87 20.86
CA GLY B 378 -5.56 22.85 21.90
C GLY B 378 -4.34 22.02 21.57
N ILE B 379 -4.30 21.45 20.36
CA ILE B 379 -3.21 20.50 20.02
C ILE B 379 -1.89 21.27 19.88
N ILE B 380 -1.88 22.55 19.51
CA ILE B 380 -0.60 23.31 19.42
C ILE B 380 -0.09 23.56 20.86
N GLU B 381 -0.98 24.00 21.75
CA GLU B 381 -0.67 24.19 23.19
C GLU B 381 -0.14 22.87 23.78
N GLU B 382 -0.68 21.72 23.37
CA GLU B 382 -0.27 20.41 23.98
C GLU B 382 1.19 20.16 23.57
N LEU B 383 1.46 20.49 22.32
CA LEU B 383 2.80 20.37 21.72
C LEU B 383 3.81 21.28 22.45
N LEU B 384 3.44 22.54 22.74
CA LEU B 384 4.35 23.46 23.46
C LEU B 384 4.60 22.93 24.88
N TRP B 385 3.53 22.42 25.49
CA TRP B 385 3.56 21.80 26.84
C TRP B 385 4.51 20.60 26.85
N PHE B 386 4.45 19.75 25.85
CA PHE B 386 5.40 18.62 25.71
C PHE B 386 6.81 19.19 25.67
N ILE B 387 7.04 20.25 24.89
CA ILE B 387 8.42 20.73 24.58
C ILE B 387 9.02 21.36 25.84
N ARG B 388 8.18 21.92 26.68
CA ARG B 388 8.62 22.52 27.97
C ARG B 388 8.95 21.38 28.96
N GLY B 389 8.67 20.11 28.63
CA GLY B 389 8.87 19.00 29.59
C GLY B 389 7.77 18.90 30.64
N GLU B 390 6.65 19.58 30.45
CA GLU B 390 5.63 19.70 31.52
C GLU B 390 4.82 18.40 31.66
N THR B 391 4.41 18.08 32.89
CA THR B 391 3.51 16.94 33.18
C THR B 391 2.34 17.44 34.00
N ASN B 392 2.23 18.76 34.12
CA ASN B 392 1.27 19.45 35.01
C ASN B 392 0.00 19.67 34.19
N GLY B 393 -1.03 18.87 34.42
CA GLY B 393 -2.27 18.98 33.61
C GLY B 393 -3.03 20.27 33.87
N ASN B 394 -2.77 20.94 34.99
CA ASN B 394 -3.46 22.20 35.37
C ASN B 394 -3.04 23.32 34.41
N THR B 395 -1.77 23.34 33.99
CA THR B 395 -1.26 24.31 32.98
C THR B 395 -2.18 24.27 31.76
N LEU B 396 -2.62 23.08 31.31
CA LEU B 396 -3.51 22.98 30.12
C LEU B 396 -4.93 23.38 30.52
N LEU B 397 -5.48 22.90 31.64
CA LEU B 397 -6.89 23.21 32.05
C LEU B 397 -7.04 24.72 32.23
N ASN B 398 -6.02 25.41 32.72
CA ASN B 398 -6.00 26.90 32.90
C ASN B 398 -5.96 27.63 31.55
N LYS B 399 -5.70 26.92 30.46
CA LYS B 399 -5.78 27.45 29.09
C LYS B 399 -7.00 26.86 28.37
N ASN B 400 -7.90 26.22 29.11
CA ASN B 400 -9.10 25.52 28.56
C ASN B 400 -8.69 24.55 27.44
N VAL B 401 -7.53 23.90 27.59
CA VAL B 401 -7.16 22.71 26.76
C VAL B 401 -7.43 21.51 27.66
N ARG B 402 -8.44 20.70 27.29
CA ARG B 402 -9.06 19.68 28.20
C ARG B 402 -8.83 18.27 27.63
N ILE B 403 -7.86 18.16 26.72
CA ILE B 403 -7.41 16.88 26.13
C ILE B 403 -7.08 15.85 27.22
N TRP B 404 -6.43 16.23 28.31
CA TRP B 404 -5.96 15.29 29.37
C TRP B 404 -6.82 15.37 30.63
N GLU B 405 -7.95 16.05 30.61
CA GLU B 405 -8.71 16.32 31.85
C GLU B 405 -9.19 15.01 32.47
N ALA B 406 -9.75 14.13 31.65
CA ALA B 406 -10.41 12.88 32.08
C ALA B 406 -9.36 11.95 32.69
N ASN B 407 -8.14 12.00 32.16
CA ASN B 407 -7.01 11.17 32.61
C ASN B 407 -6.35 11.69 33.88
N GLY B 408 -6.71 12.90 34.34
CA GLY B 408 -6.14 13.51 35.55
C GLY B 408 -7.01 13.39 36.79
N THR B 409 -8.26 12.93 36.71
CA THR B 409 -9.23 13.01 37.85
C THR B 409 -8.79 12.05 38.96
N ARG B 410 -9.24 12.30 40.20
CA ARG B 410 -9.07 11.39 41.37
C ARG B 410 -9.48 9.96 40.97
N GLU B 411 -10.65 9.80 40.39
CA GLU B 411 -11.23 8.47 40.06
C GLU B 411 -10.35 7.79 39.01
N PHE B 412 -9.99 8.48 37.95
CA PHE B 412 -9.11 7.87 36.92
C PHE B 412 -7.76 7.47 37.53
N LEU B 413 -7.13 8.34 38.30
CA LEU B 413 -5.80 8.01 38.89
C LEU B 413 -5.94 6.85 39.88
N ASP B 414 -7.01 6.82 40.66
CA ASP B 414 -7.26 5.73 41.64
C ASP B 414 -7.51 4.43 40.88
N ASN B 415 -8.23 4.47 39.77
CA ASN B 415 -8.44 3.24 38.96
C ASN B 415 -7.12 2.76 38.36
N ARG B 416 -6.16 3.64 38.05
CA ARG B 416 -4.80 3.26 37.57
C ARG B 416 -3.92 2.85 38.76
N LYS B 417 -4.42 2.93 39.99
CA LYS B 417 -3.64 2.55 41.22
C LYS B 417 -2.68 3.68 41.59
N LEU B 418 -2.94 4.91 41.13
CA LEU B 418 -2.02 6.02 41.39
C LEU B 418 -2.54 6.80 42.59
N PHE B 419 -2.66 6.13 43.73
CA PHE B 419 -3.42 6.61 44.93
C PHE B 419 -2.67 7.77 45.55
N HIS B 420 -1.36 7.84 45.30
CA HIS B 420 -0.42 8.84 45.83
C HIS B 420 -0.08 9.87 44.77
N ARG B 421 -0.95 10.05 43.77
CA ARG B 421 -0.70 11.05 42.71
C ARG B 421 -1.69 12.21 42.88
N GLU B 422 -1.19 13.44 42.82
CA GLU B 422 -2.06 14.64 42.85
C GLU B 422 -2.94 14.67 41.59
N VAL B 423 -4.20 15.06 41.75
CA VAL B 423 -5.14 15.33 40.61
C VAL B 423 -4.38 16.18 39.57
N ASN B 424 -4.42 15.77 38.30
CA ASN B 424 -3.81 16.48 37.14
C ASN B 424 -2.29 16.35 37.16
N ASP B 425 -1.75 15.52 38.06
CA ASP B 425 -0.34 15.09 38.00
C ASP B 425 -0.29 13.86 37.12
N LEU B 426 -0.05 14.06 35.82
CA LEU B 426 -0.19 12.99 34.81
C LEU B 426 1.00 12.04 34.86
N GLY B 427 1.98 12.27 35.74
CA GLY B 427 3.11 11.33 35.87
C GLY B 427 4.12 11.53 34.73
N PRO B 428 5.11 10.64 34.59
CA PRO B 428 6.21 10.84 33.62
C PRO B 428 5.75 10.54 32.19
N ILE B 429 4.77 11.31 31.69
CA ILE B 429 4.29 11.20 30.28
C ILE B 429 5.25 11.95 29.36
N TYR B 430 4.82 12.14 28.12
CA TYR B 430 5.63 12.64 26.98
C TYR B 430 6.68 13.68 27.38
N GLY B 431 6.25 14.82 27.92
CA GLY B 431 7.15 15.96 28.20
C GLY B 431 8.30 15.52 29.10
N PHE B 432 8.00 14.67 30.08
CA PHE B 432 9.06 14.21 31.00
C PHE B 432 10.04 13.32 30.24
N GLN B 433 9.53 12.46 29.35
CA GLN B 433 10.35 11.47 28.61
C GLN B 433 11.15 12.17 27.52
N TRP B 434 10.53 13.14 26.85
CA TRP B 434 11.20 13.99 25.83
C TRP B 434 12.39 14.75 26.43
N ARG B 435 12.32 15.27 27.66
CA ARG B 435 13.37 16.15 28.25
C ARG B 435 14.18 15.45 29.34
N HIS B 436 13.71 14.31 29.88
CA HIS B 436 14.27 13.78 31.14
C HIS B 436 14.24 12.26 31.22
N PHE B 437 14.22 11.54 30.10
CA PHE B 437 14.09 10.06 30.07
C PHE B 437 15.12 9.48 31.05
N GLY B 438 14.65 8.69 32.01
CA GLY B 438 15.52 7.94 32.93
C GLY B 438 15.62 8.60 34.30
N ALA B 439 15.24 9.86 34.41
CA ALA B 439 15.07 10.55 35.72
C ALA B 439 13.96 9.89 36.55
N GLU B 440 14.12 9.88 37.87
CA GLU B 440 13.09 9.46 38.84
C GLU B 440 12.01 10.53 38.89
N TYR B 441 10.80 10.24 38.43
CA TYR B 441 9.68 11.18 38.56
C TYR B 441 9.34 11.29 40.05
N THR B 442 9.17 12.52 40.53
CA THR B 442 8.78 12.84 41.93
C THR B 442 7.36 13.37 41.88
N ASN B 443 7.21 14.63 41.50
CA ASN B 443 5.88 15.25 41.27
C ASN B 443 6.01 16.29 40.13
N MET B 444 4.88 16.85 39.73
CA MET B 444 4.79 17.70 38.52
C MET B 444 5.44 19.05 38.77
N TYR B 445 5.76 19.36 40.04
CA TYR B 445 6.32 20.68 40.44
C TYR B 445 7.84 20.62 40.57
N ASP B 446 8.46 19.45 40.53
CA ASP B 446 9.90 19.34 40.85
C ASP B 446 10.74 20.05 39.75
N ASN B 447 11.90 20.51 40.12
CA ASN B 447 12.90 21.02 39.14
C ASN B 447 13.73 19.83 38.71
N TYR B 448 13.60 19.39 37.45
CA TYR B 448 14.36 18.24 36.90
C TYR B 448 15.58 18.71 36.07
N GLU B 449 15.96 19.99 36.10
CA GLU B 449 16.99 20.55 35.16
C GLU B 449 18.24 19.65 35.21
N ASN B 450 18.62 19.11 34.05
CA ASN B 450 19.85 18.31 33.78
C ASN B 450 19.74 16.92 34.39
N LYS B 451 18.53 16.45 34.68
CA LYS B 451 18.25 15.04 35.08
C LYS B 451 17.66 14.28 33.88
N GLY B 452 18.14 13.07 33.64
CA GLY B 452 17.66 12.21 32.56
C GLY B 452 18.21 12.60 31.20
N VAL B 453 17.76 11.90 30.15
CA VAL B 453 18.28 12.17 28.78
C VAL B 453 17.34 13.18 28.14
N ASP B 454 17.87 14.31 27.71
CA ASP B 454 17.10 15.30 26.94
C ASP B 454 17.06 14.81 25.50
N GLN B 455 16.16 13.90 25.17
CA GLN B 455 16.17 13.27 23.82
C GLN B 455 15.74 14.31 22.78
N LEU B 456 14.88 15.26 23.14
CA LEU B 456 14.51 16.34 22.20
C LEU B 456 15.77 17.09 21.71
N LYS B 457 16.58 17.59 22.62
CA LYS B 457 17.86 18.28 22.28
C LYS B 457 18.72 17.35 21.44
N ASN B 458 18.76 16.07 21.82
CA ASN B 458 19.66 15.10 21.17
C ASN B 458 19.24 14.90 19.72
N ILE B 459 17.94 14.75 19.47
CA ILE B 459 17.55 14.43 18.06
C ILE B 459 17.82 15.67 17.20
N ILE B 460 17.65 16.88 17.77
CA ILE B 460 17.89 18.13 17.00
C ILE B 460 19.40 18.22 16.66
N ASN B 461 20.26 17.90 17.60
CA ASN B 461 21.71 18.01 17.38
C ASN B 461 22.10 16.96 16.36
N LEU B 462 21.40 15.81 16.38
CA LEU B 462 21.68 14.71 15.44
C LEU B 462 21.31 15.14 14.03
N ILE B 463 20.16 15.75 13.88
CA ILE B 463 19.71 16.25 12.57
C ILE B 463 20.75 17.26 12.05
N LYS B 464 21.23 18.15 12.89
CA LYS B 464 22.19 19.20 12.51
C LYS B 464 23.58 18.63 12.26
N ASN B 465 24.03 17.64 13.05
CA ASN B 465 25.45 17.20 13.03
C ASN B 465 25.63 15.89 12.25
N ASP B 466 24.62 15.02 12.23
CA ASP B 466 24.73 13.66 11.64
C ASP B 466 23.39 13.32 10.97
N PRO B 467 23.02 14.09 9.92
CA PRO B 467 21.70 13.94 9.29
C PRO B 467 21.45 12.53 8.69
N THR B 468 22.50 11.79 8.38
CA THR B 468 22.40 10.44 7.79
C THR B 468 22.41 9.35 8.88
N SER B 469 22.41 9.73 10.15
CA SER B 469 22.19 8.80 11.29
C SER B 469 20.84 8.09 11.13
N ARG B 470 20.82 6.82 11.48
CA ARG B 470 19.61 6.00 11.36
C ARG B 470 19.03 5.84 12.76
N ARG B 471 19.53 6.63 13.71
CA ARG B 471 19.15 6.56 15.13
C ARG B 471 18.54 7.87 15.57
N ILE B 472 17.99 8.67 14.66
CA ILE B 472 17.31 9.93 15.10
C ILE B 472 15.88 9.58 15.57
N LEU B 473 15.71 9.21 16.84
CA LEU B 473 14.44 8.64 17.34
C LEU B 473 14.07 9.30 18.64
N LEU B 474 12.84 9.76 18.77
CA LEU B 474 12.27 10.40 19.98
C LEU B 474 11.29 9.37 20.52
N CYS B 475 11.50 8.79 21.71
CA CYS B 475 10.70 7.62 22.21
C CYS B 475 10.05 7.98 23.54
N ALA B 476 8.72 7.86 23.62
CA ALA B 476 7.91 8.18 24.82
C ALA B 476 7.57 6.90 25.60
N TRP B 477 7.68 5.74 24.98
CA TRP B 477 7.42 4.42 25.62
C TRP B 477 8.57 4.05 26.55
N ASN B 478 8.59 4.62 27.74
CA ASN B 478 9.56 4.26 28.81
C ASN B 478 8.92 3.13 29.64
N VAL B 479 9.37 1.91 29.39
CA VAL B 479 8.80 0.66 29.97
C VAL B 479 8.81 0.74 31.50
N LYS B 480 9.91 1.24 32.06
CA LYS B 480 10.10 1.36 33.53
C LYS B 480 9.03 2.28 34.13
N ASP B 481 8.58 3.30 33.39
CA ASP B 481 7.74 4.38 33.95
C ASP B 481 6.25 4.17 33.61
N LEU B 482 5.88 3.20 32.75
CA LEU B 482 4.50 3.11 32.19
C LEU B 482 3.48 3.12 33.32
N ASP B 483 3.70 2.35 34.36
CA ASP B 483 2.70 2.12 35.44
C ASP B 483 2.51 3.42 36.23
N GLN B 484 3.50 4.31 36.20
CA GLN B 484 3.44 5.62 36.89
C GLN B 484 2.71 6.66 36.02
N MET B 485 2.50 6.41 34.74
CA MET B 485 1.83 7.38 33.84
C MET B 485 0.29 7.31 33.99
N ALA B 486 -0.41 8.43 33.85
CA ALA B 486 -1.88 8.45 33.87
C ALA B 486 -2.36 7.43 32.85
N LEU B 487 -1.72 7.45 31.67
CA LEU B 487 -1.97 6.61 30.47
C LEU B 487 -0.62 6.34 29.81
N PRO B 488 -0.32 5.09 29.42
CA PRO B 488 0.87 4.82 28.60
C PRO B 488 0.69 5.48 27.23
N PRO B 489 1.78 6.00 26.62
CA PRO B 489 1.65 6.88 25.46
C PRO B 489 0.98 6.14 24.30
N CYS B 490 0.10 6.78 23.56
CA CYS B 490 -0.45 6.20 22.30
C CYS B 490 0.63 6.39 21.22
N HIS B 491 1.37 7.47 21.25
CA HIS B 491 2.37 7.85 20.22
C HIS B 491 3.72 7.34 20.70
N ILE B 492 4.09 6.16 20.26
CA ILE B 492 5.25 5.42 20.81
C ILE B 492 6.53 6.18 20.47
N LEU B 493 6.69 6.55 19.22
CA LEU B 493 7.98 7.16 18.78
C LEU B 493 7.80 7.98 17.51
N CYS B 494 8.72 8.90 17.31
CA CYS B 494 9.06 9.58 16.05
C CYS B 494 10.45 9.20 15.63
N GLN B 495 10.58 8.85 14.38
CA GLN B 495 11.90 8.68 13.76
C GLN B 495 11.97 9.72 12.66
N PHE B 496 13.13 10.33 12.48
CA PHE B 496 13.38 11.36 11.47
C PHE B 496 14.34 10.82 10.43
N TYR B 497 14.31 11.46 9.26
CA TYR B 497 15.05 11.09 8.05
C TYR B 497 15.41 12.38 7.32
N VAL B 498 16.68 12.52 6.95
CA VAL B 498 17.12 13.78 6.28
C VAL B 498 17.73 13.39 4.96
N PHE B 499 17.22 13.97 3.89
CA PHE B 499 17.82 13.85 2.55
C PHE B 499 17.74 15.21 1.86
N ASP B 500 18.86 15.67 1.31
CA ASP B 500 18.98 16.86 0.41
C ASP B 500 18.24 18.05 1.00
N GLY B 501 18.57 18.40 2.25
CA GLY B 501 18.01 19.57 2.96
C GLY B 501 16.54 19.42 3.31
N LYS B 502 16.02 18.20 3.42
CA LYS B 502 14.57 17.91 3.63
C LYS B 502 14.35 16.88 4.76
N LEU B 503 13.38 17.15 5.63
CA LEU B 503 13.12 16.35 6.85
C LEU B 503 11.82 15.59 6.71
N SER B 504 11.89 14.26 6.86
CA SER B 504 10.70 13.40 6.96
C SER B 504 10.63 12.85 8.38
N CYS B 505 9.42 12.48 8.79
CA CYS B 505 9.12 12.02 10.15
C CYS B 505 8.11 10.88 10.05
N ILE B 506 8.46 9.75 10.64
CA ILE B 506 7.56 8.60 10.92
C ILE B 506 7.13 8.67 12.39
N MET B 507 5.84 8.63 12.64
CA MET B 507 5.32 8.48 13.99
C MET B 507 4.62 7.13 14.02
N TYR B 508 4.96 6.27 15.00
CA TYR B 508 4.32 4.96 15.24
C TYR B 508 3.29 5.08 16.38
N GLN B 509 2.05 4.74 16.09
CA GLN B 509 0.92 4.91 17.04
C GLN B 509 0.30 3.55 17.37
N ARG B 510 0.33 3.16 18.64
CA ARG B 510 -0.03 1.79 19.06
C ARG B 510 -1.55 1.62 19.05
N SER B 511 -2.26 2.72 19.19
CA SER B 511 -3.71 2.70 19.38
C SER B 511 -4.31 3.99 18.81
N CYS B 512 -5.17 3.80 17.82
CA CYS B 512 -5.64 4.83 16.88
C CYS B 512 -7.16 4.84 16.89
N ASP B 513 -7.74 5.85 17.53
CA ASP B 513 -9.19 6.16 17.47
C ASP B 513 -9.37 6.93 16.18
N LEU B 514 -9.82 6.25 15.14
CA LEU B 514 -9.83 6.79 13.77
C LEU B 514 -10.84 7.93 13.63
N GLY B 515 -11.99 7.83 14.34
CA GLY B 515 -13.06 8.84 14.20
C GLY B 515 -12.71 10.13 14.88
N LEU B 516 -12.09 10.06 16.06
CA LEU B 516 -11.83 11.27 16.88
C LEU B 516 -10.33 11.59 16.99
N GLY B 517 -9.50 10.62 17.35
CA GLY B 517 -8.08 10.87 17.67
C GLY B 517 -7.23 11.12 16.43
N VAL B 518 -7.29 10.23 15.45
CA VAL B 518 -6.32 10.21 14.33
C VAL B 518 -6.34 11.56 13.61
N PRO B 519 -7.49 12.22 13.39
CA PRO B 519 -7.45 13.52 12.70
C PRO B 519 -6.57 14.56 13.40
N PHE B 520 -6.68 14.66 14.73
CA PHE B 520 -5.82 15.58 15.51
C PHE B 520 -4.36 15.11 15.42
N ASN B 521 -4.13 13.80 15.48
CA ASN B 521 -2.78 13.20 15.57
C ASN B 521 -2.01 13.47 14.28
N ILE B 522 -2.67 13.38 13.12
CA ILE B 522 -2.08 13.80 11.84
C ILE B 522 -1.64 15.25 11.98
N ALA B 523 -2.50 16.11 12.48
CA ALA B 523 -2.17 17.54 12.60
C ALA B 523 -1.01 17.73 13.58
N SER B 524 -1.06 17.20 14.81
CA SER B 524 0.00 17.42 15.82
C SER B 524 1.38 17.18 15.21
N TYR B 525 1.59 16.00 14.63
CA TYR B 525 2.89 15.44 14.21
C TYR B 525 3.35 16.11 12.90
N SER B 526 2.42 16.58 12.09
CA SER B 526 2.74 17.41 10.89
C SER B 526 3.29 18.75 11.39
N ILE B 527 2.63 19.31 12.36
CA ILE B 527 3.08 20.60 12.97
C ILE B 527 4.46 20.41 13.61
N PHE B 528 4.64 19.35 14.39
CA PHE B 528 5.94 19.07 15.03
C PHE B 528 7.04 18.89 13.97
N THR B 529 6.74 18.22 12.87
CA THR B 529 7.70 18.02 11.76
C THR B 529 8.14 19.40 11.23
N HIS B 530 7.21 20.31 10.96
CA HIS B 530 7.49 21.69 10.51
C HIS B 530 8.40 22.39 11.53
N MET B 531 8.11 22.23 12.82
CA MET B 531 8.88 22.94 13.87
C MET B 531 10.31 22.41 13.87
N ILE B 532 10.47 21.09 13.92
CA ILE B 532 11.81 20.47 13.98
C ILE B 532 12.57 20.92 12.72
N ALA B 533 11.92 20.87 11.55
CA ALA B 533 12.56 21.24 10.26
C ALA B 533 13.06 22.68 10.31
N GLN B 534 12.21 23.60 10.77
CA GLN B 534 12.56 25.03 10.74
C GLN B 534 13.74 25.29 11.67
N VAL B 535 13.78 24.70 12.87
CA VAL B 535 14.89 25.00 13.81
C VAL B 535 16.20 24.32 13.38
N CYS B 536 16.15 23.41 12.41
CA CYS B 536 17.30 22.69 11.83
C CYS B 536 17.62 23.21 10.41
N ASN B 537 16.94 24.26 9.94
CA ASN B 537 17.15 24.89 8.61
C ASN B 537 16.93 23.86 7.50
N LEU B 538 15.83 23.11 7.60
CA LEU B 538 15.44 22.07 6.62
C LEU B 538 14.03 22.41 6.17
N GLN B 539 13.65 21.88 5.02
CA GLN B 539 12.27 21.95 4.50
C GLN B 539 11.56 20.67 4.90
N PRO B 540 10.30 20.73 5.38
CA PRO B 540 9.58 19.50 5.68
C PRO B 540 9.28 18.78 4.36
N ALA B 541 9.46 17.46 4.35
CA ALA B 541 9.06 16.59 3.21
C ALA B 541 7.82 15.78 3.63
N GLN B 542 7.94 14.53 4.09
CA GLN B 542 6.75 13.71 4.42
C GLN B 542 6.60 13.50 5.92
N PHE B 543 5.34 13.51 6.35
CA PHE B 543 4.91 12.93 7.63
C PHE B 543 4.28 11.60 7.28
N ILE B 544 4.78 10.55 7.91
CA ILE B 544 4.41 9.12 7.68
C ILE B 544 3.83 8.58 8.98
N HIS B 545 2.54 8.26 8.94
CA HIS B 545 1.79 7.82 10.13
C HIS B 545 1.63 6.31 10.06
N VAL B 546 2.23 5.55 10.99
CA VAL B 546 2.05 4.08 11.09
C VAL B 546 1.03 3.80 12.19
N LEU B 547 -0.07 3.12 11.85
CA LEU B 547 -1.17 2.80 12.79
C LEU B 547 -1.01 1.34 13.20
N GLY B 548 -0.96 1.06 14.49
CA GLY B 548 -0.94 -0.30 15.03
C GLY B 548 -2.37 -0.79 15.18
N ASN B 549 -2.90 -0.70 16.40
CA ASN B 549 -4.28 -1.11 16.66
C ASN B 549 -5.16 0.03 16.16
N ALA B 550 -5.65 -0.07 14.93
CA ALA B 550 -6.52 0.95 14.32
C ALA B 550 -8.00 0.56 14.50
N HIS B 551 -8.80 1.40 15.13
CA HIS B 551 -10.21 1.06 15.47
C HIS B 551 -11.15 2.24 15.22
N VAL B 552 -12.35 1.89 14.79
CA VAL B 552 -13.53 2.78 14.73
C VAL B 552 -14.44 2.38 15.90
N TYR B 553 -14.81 3.29 16.80
CA TYR B 553 -15.82 3.03 17.86
C TYR B 553 -17.14 2.87 17.13
N ASN B 554 -17.97 1.90 17.52
CA ASN B 554 -19.28 1.61 16.85
C ASN B 554 -20.15 2.84 16.85
N ASN B 555 -20.02 3.65 17.90
CA ASN B 555 -20.83 4.89 18.08
C ASN B 555 -20.38 6.00 17.12
N HIS B 556 -19.28 5.80 16.39
CA HIS B 556 -18.77 6.78 15.39
C HIS B 556 -19.28 6.44 13.98
N ILE B 557 -19.82 5.24 13.77
CA ILE B 557 -20.09 4.68 12.41
C ILE B 557 -21.06 5.58 11.63
N ASP B 558 -22.17 6.01 12.23
CA ASP B 558 -23.16 6.86 11.51
C ASP B 558 -22.45 8.15 11.08
N SER B 559 -21.66 8.75 11.98
CA SER B 559 -20.98 10.04 11.68
C SER B 559 -19.90 9.85 10.59
N LEU B 560 -19.17 8.74 10.62
CA LEU B 560 -18.13 8.46 9.62
C LEU B 560 -18.75 8.17 8.24
N LYS B 561 -19.96 7.61 8.22
CA LYS B 561 -20.73 7.32 6.98
C LYS B 561 -21.09 8.63 6.28
N ILE B 562 -21.54 9.61 7.07
CA ILE B 562 -21.74 10.97 6.52
C ILE B 562 -20.40 11.46 5.97
N GLN B 563 -19.31 11.25 6.73
CA GLN B 563 -18.03 11.93 6.42
C GLN B 563 -17.48 11.34 5.13
N LEU B 564 -17.55 10.00 4.96
CA LEU B 564 -16.98 9.29 3.79
C LEU B 564 -17.65 9.76 2.48
N ASN B 565 -18.84 10.36 2.54
CA ASN B 565 -19.65 10.75 1.37
C ASN B 565 -19.37 12.22 1.00
N ARG B 566 -18.52 12.91 1.79
CA ARG B 566 -18.16 14.31 1.50
C ARG B 566 -16.86 14.30 0.69
N ILE B 567 -16.81 15.15 -0.32
CA ILE B 567 -15.62 15.27 -1.19
C ILE B 567 -14.66 16.27 -0.55
N PRO B 568 -13.40 15.87 -0.31
CA PRO B 568 -12.40 16.79 0.22
C PRO B 568 -12.22 18.06 -0.62
N TYR B 569 -11.88 19.13 0.09
CA TYR B 569 -11.45 20.44 -0.42
C TYR B 569 -9.94 20.46 -0.47
N PRO B 570 -9.33 21.35 -1.28
CA PRO B 570 -7.89 21.49 -1.30
C PRO B 570 -7.48 21.84 0.13
N PHE B 571 -6.39 21.23 0.57
CA PHE B 571 -5.84 21.39 1.93
C PHE B 571 -5.41 22.83 2.17
N PRO B 572 -5.36 23.26 3.44
CA PRO B 572 -4.72 24.51 3.79
C PRO B 572 -3.19 24.42 3.79
N THR B 573 -2.56 25.49 4.24
CA THR B 573 -1.09 25.57 4.45
C THR B 573 -0.87 25.99 5.91
N LEU B 574 0.30 25.64 6.41
CA LEU B 574 0.76 26.06 7.77
C LEU B 574 1.83 27.09 7.55
N LYS B 575 1.75 28.21 8.24
CA LYS B 575 2.82 29.23 8.29
C LYS B 575 3.34 29.28 9.74
N LEU B 576 4.63 29.07 9.90
CA LEU B 576 5.32 29.33 11.18
C LEU B 576 5.94 30.72 11.07
N ASN B 577 5.90 31.49 12.14
CA ASN B 577 6.82 32.65 12.34
C ASN B 577 8.24 32.23 11.97
N PRO B 578 8.87 32.74 10.89
CA PRO B 578 10.17 32.23 10.45
C PRO B 578 11.38 32.64 11.32
N ASP B 579 11.17 33.49 12.34
CA ASP B 579 12.27 33.97 13.21
C ASP B 579 12.61 32.95 14.29
N ILE B 580 11.76 31.94 14.54
CA ILE B 580 11.95 31.00 15.68
C ILE B 580 12.94 29.96 15.20
N LYS B 581 14.10 29.89 15.82
CA LYS B 581 15.15 28.94 15.43
C LYS B 581 15.57 28.09 16.61
N ASN B 582 14.83 28.12 17.70
CA ASN B 582 15.02 27.18 18.83
C ASN B 582 13.67 26.53 19.12
N ILE B 583 13.68 25.20 19.34
CA ILE B 583 12.44 24.39 19.51
C ILE B 583 11.68 24.89 20.75
N GLU B 584 12.35 25.53 21.71
CA GLU B 584 11.76 25.96 23.01
C GLU B 584 11.13 27.35 22.91
N ASP B 585 11.29 28.08 21.81
CA ASP B 585 10.90 29.51 21.74
C ASP B 585 9.59 29.69 20.96
N PHE B 586 8.93 28.64 20.48
CA PHE B 586 7.60 28.79 19.82
C PHE B 586 6.56 29.21 20.88
N THR B 587 5.60 30.06 20.49
CA THR B 587 4.39 30.45 21.26
C THR B 587 3.16 30.33 20.35
N ILE B 588 1.96 30.38 20.94
CA ILE B 588 0.73 30.08 20.18
C ILE B 588 0.63 31.00 18.96
N SER B 589 1.07 32.27 19.04
CA SER B 589 0.98 33.28 17.94
C SER B 589 1.96 32.97 16.79
N ASP B 590 2.88 32.03 16.99
CA ASP B 590 3.84 31.62 15.93
C ASP B 590 3.14 30.76 14.87
N PHE B 591 1.88 30.35 15.05
CA PHE B 591 1.24 29.34 14.20
C PHE B 591 0.02 29.93 13.49
N THR B 592 -0.04 29.78 12.17
CA THR B 592 -1.18 30.26 11.37
C THR B 592 -1.56 29.21 10.33
N ILE B 593 -2.80 28.76 10.39
CA ILE B 593 -3.41 27.94 9.33
C ILE B 593 -4.02 28.88 8.29
N GLN B 594 -3.68 28.69 7.04
CA GLN B 594 -4.11 29.61 5.94
C GLN B 594 -4.98 28.84 4.95
N ASN B 595 -6.15 29.41 4.60
CA ASN B 595 -6.98 28.91 3.48
C ASN B 595 -7.59 27.55 3.84
N TYR B 596 -7.95 27.36 5.10
CA TYR B 596 -8.70 26.17 5.55
C TYR B 596 -10.12 26.26 5.00
N VAL B 597 -10.45 25.41 4.03
CA VAL B 597 -11.83 25.23 3.52
C VAL B 597 -12.29 23.86 3.98
N HIS B 598 -13.42 23.79 4.66
CA HIS B 598 -13.85 22.54 5.32
C HIS B 598 -15.38 22.42 5.26
N HIS B 599 -15.85 21.16 5.33
CA HIS B 599 -17.26 20.79 5.50
C HIS B 599 -17.66 21.13 6.93
N GLU B 600 -18.96 21.05 7.20
CA GLU B 600 -19.58 21.34 8.50
C GLU B 600 -18.89 20.49 9.59
N LYS B 601 -18.78 20.98 10.81
CA LYS B 601 -18.36 20.14 11.95
C LYS B 601 -19.31 18.94 12.02
N ILE B 602 -18.78 17.81 12.46
CA ILE B 602 -19.50 16.54 12.71
C ILE B 602 -19.28 16.20 14.17
N SER B 603 -20.35 16.04 14.93
CA SER B 603 -20.30 15.49 16.30
C SER B 603 -20.16 13.98 16.15
N MET B 604 -18.98 13.43 16.44
CA MET B 604 -18.64 12.03 16.05
C MET B 604 -19.64 11.09 16.74
N ASP B 605 -19.89 11.36 18.02
CA ASP B 605 -20.93 10.73 18.87
C ASP B 605 -22.23 11.55 18.74
N MET B 606 -23.10 11.24 17.77
CA MET B 606 -24.51 11.77 17.69
C MET B 606 -25.29 11.19 18.88
N ALA B 607 -25.43 11.94 19.98
CA ALA B 607 -26.12 11.53 21.24
C ALA B 607 -26.71 12.76 21.96
N ALA B 608 -28.05 12.84 22.03
CA ALA B 608 -28.85 14.01 22.50
C ALA B 608 -29.74 13.66 23.71
PA NDP C . -3.13 -40.89 -18.84
O1A NDP C . -2.22 -40.00 -19.60
O2A NDP C . -4.22 -40.33 -17.97
O5B NDP C . -3.82 -42.00 -19.78
C5B NDP C . -3.05 -42.81 -20.71
C4B NDP C . -3.99 -43.49 -21.67
O4B NDP C . -4.73 -42.48 -22.41
C3B NDP C . -3.41 -44.38 -22.78
O3B NDP C . -3.20 -45.69 -22.30
C2B NDP C . -4.58 -44.43 -23.73
O2B NDP C . -5.63 -45.15 -23.10
C1B NDP C . -5.04 -42.98 -23.70
N9A NDP C . -4.39 -42.13 -24.67
C8A NDP C . -3.44 -41.18 -24.41
N7A NDP C . -3.06 -40.54 -25.49
C5A NDP C . -3.81 -41.10 -26.52
C6A NDP C . -3.87 -40.86 -27.92
N6A NDP C . -3.15 -39.95 -28.57
N1A NDP C . -4.76 -41.57 -28.64
C2A NDP C . -5.49 -42.48 -27.99
N3A NDP C . -5.51 -42.80 -26.70
C4A NDP C . -4.64 -42.07 -26.01
O3 NDP C . -2.22 -41.88 -18.00
PN NDP C . -0.89 -41.76 -17.12
O1N NDP C . 0.16 -41.08 -17.96
O2N NDP C . -0.66 -43.12 -16.52
O5D NDP C . -1.37 -40.73 -15.98
C5D NDP C . -2.36 -41.05 -14.96
C4D NDP C . -1.74 -40.81 -13.60
O4D NDP C . -1.52 -39.39 -13.45
C3D NDP C . -2.54 -41.23 -12.37
O3D NDP C . -1.66 -41.59 -11.31
C2D NDP C . -3.35 -39.95 -12.09
O2D NDP C . -3.83 -39.91 -10.76
C1D NDP C . -2.30 -38.89 -12.38
N1N NDP C . -2.85 -37.55 -12.79
C2N NDP C . -2.43 -36.42 -12.13
C3N NDP C . -2.68 -35.13 -12.60
C7N NDP C . -2.10 -33.95 -11.88
O7N NDP C . -2.20 -32.81 -12.37
N7N NDP C . -1.48 -34.15 -10.73
C4N NDP C . -3.52 -35.01 -13.84
C5N NDP C . -4.00 -36.31 -14.41
C6N NDP C . -3.82 -37.45 -13.78
P2B NDP C . -6.01 -46.63 -23.48
O1X NDP C . -5.98 -46.63 -25.01
O2X NDP C . -4.95 -47.41 -22.78
O3X NDP C . -7.40 -46.95 -22.93
N1 MTX D . -4.97 -30.44 -10.03
C2 MTX D . -4.59 -29.63 -11.03
NA2 MTX D . -4.21 -28.41 -10.70
N3 MTX D . -4.61 -29.94 -12.34
C4 MTX D . -4.99 -31.16 -12.71
NA4 MTX D . -5.00 -31.47 -13.99
C4A MTX D . -5.36 -32.08 -11.73
N5 MTX D . -5.76 -33.33 -12.10
C6 MTX D . -6.07 -34.17 -11.14
C7 MTX D . -6.06 -33.78 -9.78
N8 MTX D . -5.70 -32.57 -9.41
C8A MTX D . -5.33 -31.70 -10.40
C9 MTX D . -6.44 -35.58 -11.53
N10 MTX D . -7.71 -35.56 -12.23
CM MTX D . -7.65 -35.63 -13.68
C11 MTX D . -11.16 -34.61 -10.09
C12 MTX D . -10.83 -33.94 -11.25
C13 MTX D . -9.69 -34.26 -11.96
C14 MTX D . -8.87 -35.30 -11.53
C15 MTX D . -9.18 -35.94 -10.33
C16 MTX D . -10.34 -35.65 -9.65
C MTX D . -12.43 -34.19 -9.42
O MTX D . -13.06 -34.98 -8.73
N MTX D . -12.82 -32.94 -9.68
CA MTX D . -14.03 -32.31 -9.18
CT MTX D . -14.43 -31.22 -10.19
O1 MTX D . -15.65 -31.00 -10.30
O2 MTX D . -13.49 -30.60 -10.78
CB MTX D . -13.78 -31.58 -7.86
CG MTX D . -14.73 -31.93 -6.75
CD MTX D . -14.29 -31.38 -5.40
OE1 MTX D . -14.94 -30.44 -4.92
OE2 MTX D . -13.27 -31.89 -4.84
N1 UMP E . 20.68 -4.27 10.89
C2 UMP E . 19.64 -5.03 10.33
N3 UMP E . 19.14 -5.99 11.17
C4 UMP E . 19.57 -6.34 12.45
C5 UMP E . 20.67 -5.55 12.92
C6 UMP E . 21.19 -4.58 12.14
O2 UMP E . 19.16 -4.84 9.20
O4 UMP E . 19.01 -7.26 13.06
C1' UMP E . 21.39 -3.30 10.05
C2' UMP E . 20.78 -1.90 9.81
C3' UMP E . 22.04 -1.11 9.49
C4' UMP E . 22.98 -1.65 10.57
O3' UMP E . 22.59 -1.46 8.22
O4' UMP E . 22.65 -3.06 10.67
C5' UMP E . 22.85 -0.98 11.92
O5' UMP E . 23.54 0.32 11.88
P UMP E . 22.86 1.61 12.41
OP1 UMP E . 23.82 2.67 11.97
OP2 UMP E . 21.53 1.77 11.70
OP3 UMP E . 22.70 1.52 13.90
N1 MTX F . 24.05 -5.15 8.47
C2 MTX F . 25.00 -4.25 8.87
NA2 MTX F . 25.43 -3.36 7.98
N3 MTX F . 25.51 -4.15 10.12
C4 MTX F . 25.10 -5.03 11.05
NA4 MTX F . 25.61 -4.93 12.28
C4A MTX F . 24.13 -6.03 10.72
N5 MTX F . 23.70 -6.93 11.67
C6 MTX F . 22.81 -7.83 11.30
C7 MTX F . 22.29 -7.85 9.98
N8 MTX F . 22.69 -6.99 9.05
C8A MTX F . 23.61 -6.06 9.41
C9 MTX F . 22.37 -8.83 12.35
N10 MTX F . 21.84 -10.09 11.83
CM MTX F . 20.50 -10.45 12.25
C11 MTX F . 24.08 -12.69 9.35
C12 MTX F . 24.59 -11.44 9.71
C13 MTX F . 23.87 -10.58 10.52
C14 MTX F . 22.59 -10.94 11.01
C15 MTX F . 22.09 -12.21 10.64
C16 MTX F . 22.83 -13.05 9.83
C MTX F . 24.80 -13.71 8.54
O MTX F . 24.87 -14.88 8.93
N MTX F . 25.32 -13.34 7.36
CA MTX F . 25.88 -14.30 6.41
CT MTX F . 27.17 -14.90 7.00
O1 MTX F . 27.57 -16.00 6.54
O2 MTX F . 27.72 -14.28 7.93
CB MTX F . 26.09 -13.64 5.04
CG MTX F . 26.19 -14.61 3.88
CD MTX F . 26.73 -14.00 2.59
OE1 MTX F . 27.66 -14.59 1.98
OE2 MTX F . 26.21 -12.93 2.18
C1 GOL G . 3.08 -3.29 28.45
O1 GOL G . 1.78 -2.76 28.68
C2 GOL G . 3.87 -3.46 29.72
O2 GOL G . 3.07 -4.12 30.70
C3 GOL G . 5.18 -4.18 29.52
O3 GOL G . 5.85 -4.46 30.75
PA NDP H . -15.48 36.31 -22.43
O1A NDP H . -16.55 35.43 -21.87
O2A NDP H . -14.12 35.84 -22.82
O5B NDP H . -16.05 37.12 -23.70
C5B NDP H . -17.40 37.63 -23.87
C4B NDP H . -17.51 38.16 -25.28
O4B NDP H . -17.52 37.05 -26.21
C3B NDP H . -18.75 38.98 -25.65
O3B NDP H . -18.69 40.32 -25.16
C2B NDP H . -18.69 38.84 -27.16
O2B NDP H . -17.55 39.49 -27.74
C1B NDP H . -18.42 37.34 -27.26
N9A NDP H . -19.61 36.52 -27.10
C8A NDP H . -20.11 35.99 -25.93
N7A NDP H . -21.21 35.30 -26.11
C5A NDP H . -21.46 35.40 -27.47
C6A NDP H . -22.51 34.88 -28.27
N6A NDP H . -23.49 34.14 -27.80
N1A NDP H . -22.46 35.18 -29.60
C2A NDP H . -21.46 35.93 -30.06
N3A NDP H . -20.43 36.45 -29.41
C4A NDP H . -20.50 36.15 -28.09
O3 NDP H . -15.31 37.52 -21.40
PN NDP H . -15.40 37.77 -19.81
O1N NDP H . -16.72 37.29 -19.29
O2N NDP H . -14.98 39.18 -19.56
O5D NDP H . -14.24 36.76 -19.36
C5D NDP H . -12.84 37.15 -19.49
C4D NDP H . -12.26 37.34 -18.11
O4D NDP H . -12.18 36.05 -17.45
C3D NDP H . -10.83 37.90 -18.06
O3D NDP H . -10.69 38.66 -16.86
C2D NDP H . -10.01 36.62 -18.17
O2D NDP H . -8.69 36.72 -17.66
C1D NDP H . -10.85 35.66 -17.32
N1N NDP H . -10.73 34.23 -17.77
C2N NDP H . -10.26 33.28 -16.89
C3N NDP H . -10.48 31.94 -17.07
C7N NDP H . -10.26 31.01 -15.89
O7N NDP H . -10.63 29.84 -15.97
N7N NDP H . -9.72 31.47 -14.78
C4N NDP H . -10.94 31.50 -18.42
C5N NDP H . -11.19 32.58 -19.37
C6N NDP H . -11.06 33.85 -19.04
P2B NDP H . -17.78 40.69 -28.80
O1X NDP H . -16.45 40.84 -29.54
O2X NDP H . -18.94 40.27 -29.69
O3X NDP H . -18.12 41.90 -27.95
N1 MTX I . -6.72 27.53 -16.45
C2 MTX I . -7.69 26.60 -16.49
NA2 MTX I . -7.51 25.50 -15.75
N3 MTX I . -8.80 26.68 -17.26
C4 MTX I . -8.99 27.78 -18.01
NA4 MTX I . -10.08 27.87 -18.78
C4A MTX I . -8.03 28.80 -17.99
N5 MTX I . -8.20 29.92 -18.75
C6 MTX I . -7.29 30.88 -18.66
C7 MTX I . -6.12 30.69 -17.87
N8 MTX I . -5.92 29.61 -17.14
C8A MTX I . -6.88 28.65 -17.18
C9 MTX I . -7.48 32.12 -19.48
N10 MTX I . -7.18 31.80 -20.88
CM MTX I . -8.32 31.66 -21.77
C11 MTX I . -3.25 30.84 -22.04
C12 MTX I . -4.30 30.01 -22.37
C13 MTX I . -5.60 30.32 -22.00
C14 MTX I . -5.89 31.49 -21.27
C15 MTX I . -4.80 32.32 -20.91
C16 MTX I . -3.52 31.99 -21.30
C MTX I . -1.85 30.51 -22.46
O MTX I . -1.02 31.40 -22.64
N MTX I . -1.56 29.20 -22.60
CA MTX I . -0.52 28.68 -23.48
CT MTX I . -0.94 27.32 -24.05
O1 MTX I . -0.16 26.79 -24.90
O2 MTX I . -1.99 26.78 -23.60
CB MTX I . 0.82 28.50 -22.77
CG MTX I . 0.98 29.24 -21.45
CD MTX I . 2.12 28.75 -20.57
OE1 MTX I . 2.62 27.62 -20.79
OE2 MTX I . 2.52 29.50 -19.66
N1 UMP J . -6.07 8.01 21.35
C2 UMP J . -5.72 8.49 20.08
N3 UMP J . -4.85 9.55 20.11
C4 UMP J . -4.27 10.16 21.22
C5 UMP J . -4.70 9.62 22.48
C6 UMP J . -5.57 8.61 22.50
O2 UMP J . -6.11 8.03 18.98
O4 UMP J . -3.47 11.08 21.05
C1' UMP J . -7.09 6.91 21.53
C2' UMP J . -6.66 5.49 21.21
C3' UMP J . -7.63 4.70 22.09
C4' UMP J . -7.51 5.51 23.39
O3' UMP J . -8.98 4.72 21.59
O4' UMP J . -7.46 6.88 22.91
C5' UMP J . -6.31 5.18 24.25
O5' UMP J . -6.61 4.05 25.16
P UMP J . -5.77 2.64 25.14
OP1 UMP J . -4.44 2.82 25.78
OP2 UMP J . -5.62 2.25 23.69
OP3 UMP J . -6.62 1.69 25.94
C1 GOL K . 19.61 10.05 21.85
O1 GOL K . 18.80 10.55 22.92
C2 GOL K . 18.83 9.00 21.09
O2 GOL K . 17.45 9.21 21.39
C3 GOL K . 19.04 9.01 19.59
O3 GOL K . 20.09 8.14 19.18
#